data_5KCM
#
_entry.id   5KCM
#
_cell.length_a   97.607
_cell.length_b   107.243
_cell.length_c   113.672
_cell.angle_alpha   90.00
_cell.angle_beta   90.00
_cell.angle_gamma   90.00
#
_symmetry.space_group_name_H-M   'P 21 21 21'
#
loop_
_entity.id
_entity.type
_entity.pdbx_description
1 polymer '(6-4) photolyase'
2 non-polymer 'FLAVIN-ADENINE DINUCLEOTIDE'
3 non-polymer 'IRON/SULFUR CLUSTER'
4 non-polymer GLYCEROL
5 water water
#
_entity_poly.entity_id   1
_entity_poly.type   'polypeptide(L)'
_entity_poly.pdbx_seq_one_letter_code
;MSQLVLILGDQLSPSIAALDGVDKKQDTIVLCEVMAEASYVGHHKKKIAFWFSAMRHFAEELRGEGYRVRYTRIDDADNA
GSFTGEVKRAIDDLTPSRICVTEPGEWRVRSEMDGFAGAFGIQVDIRSDRRFLSSHGEFRNWAAGRKSLTMEYFYREMRR
KTGLLMNGEQPVGGRWNFDAENRQPARPDLLRPKHPVFAPDKITKEVIDTVERLFPDNFGKLENFGFAVTRTDAERALSA
FIDDFLCNFGATQDAMLQDDPNLNHSLLSFYINCGLLDALDVCKAAERAYHEGGAPLNAVEGFIRQIIGWREYMRGIYWL
AGPDYVDSNFFENDRSLPVFYWTGKTHMNCMAKVITETIENAYAHHIQRLMITGNFALLAGIDPKAVHRWYLEVYADAYE
WVELPNVIGMSQFADGGFLGTKPYAASGNYINRMSDYCDTCRYDPKERLGDNACPFNALYWDFLARNREKLKSNHRLAQP
YATWARMSEDVRHDLRAKAAAFLRKLDAAALEHHHHHH
;
_entity_poly.pdbx_strand_id   A,B
#
# COMPACT_ATOMS: atom_id res chain seq x y z
N SER A 2 19.74 -29.04 8.96
CA SER A 2 18.71 -28.96 9.98
C SER A 2 18.01 -27.63 9.85
N GLN A 3 16.77 -27.56 10.33
CA GLN A 3 15.98 -26.34 10.25
C GLN A 3 15.93 -25.61 11.59
N LEU A 4 15.98 -24.30 11.50
CA LEU A 4 15.56 -23.41 12.56
C LEU A 4 14.13 -22.99 12.24
N VAL A 5 13.17 -23.39 13.09
CA VAL A 5 11.76 -23.05 12.86
C VAL A 5 11.40 -21.93 13.82
N LEU A 6 11.22 -20.73 13.29
CA LEU A 6 10.88 -19.56 14.08
C LEU A 6 9.36 -19.46 14.20
N ILE A 7 8.86 -19.30 15.43
CA ILE A 7 7.43 -19.15 15.70
C ILE A 7 7.23 -17.87 16.50
N LEU A 8 6.33 -17.01 16.05
CA LEU A 8 6.17 -15.70 16.68
C LEU A 8 5.06 -15.72 17.74
N GLY A 9 5.04 -14.67 18.55
CA GLY A 9 4.17 -14.62 19.71
C GLY A 9 2.69 -14.77 19.43
N ASP A 10 2.24 -14.47 18.20
CA ASP A 10 0.82 -14.63 17.87
C ASP A 10 0.58 -15.84 16.95
N GLN A 11 1.51 -16.80 16.95
CA GLN A 11 1.42 -18.00 16.12
C GLN A 11 1.49 -19.27 16.95
N LEU A 12 0.81 -19.25 18.10
CA LEU A 12 0.93 -20.31 19.10
C LEU A 12 -0.04 -21.45 18.80
N SER A 13 0.21 -22.09 17.66
CA SER A 13 -0.61 -23.21 17.20
C SER A 13 0.30 -24.36 16.77
N PRO A 14 0.01 -25.60 17.18
CA PRO A 14 0.80 -26.73 16.71
C PRO A 14 0.56 -27.10 15.26
N SER A 15 -0.39 -26.47 14.57
N SER A 15 -0.39 -26.44 14.57
CA SER A 15 -0.58 -26.68 13.13
CA SER A 15 -0.59 -26.66 13.15
C SER A 15 -0.20 -25.44 12.32
C SER A 15 -0.22 -25.43 12.33
N ILE A 16 0.52 -24.49 12.94
CA ILE A 16 1.03 -23.34 12.22
C ILE A 16 1.88 -23.82 11.03
N ALA A 17 1.83 -23.07 9.92
CA ALA A 17 2.42 -23.52 8.65
C ALA A 17 3.89 -23.88 8.79
N ALA A 18 4.64 -23.13 9.60
CA ALA A 18 6.09 -23.35 9.71
C ALA A 18 6.43 -24.73 10.26
N LEU A 19 5.52 -25.38 10.97
CA LEU A 19 5.79 -26.72 11.48
C LEU A 19 5.55 -27.81 10.45
N ASP A 20 4.99 -27.50 9.27
CA ASP A 20 4.86 -28.52 8.22
C ASP A 20 6.22 -29.12 7.90
N GLY A 21 6.29 -30.44 7.90
CA GLY A 21 7.51 -31.10 7.47
C GLY A 21 8.70 -30.92 8.38
N VAL A 22 8.47 -30.66 9.67
CA VAL A 22 9.57 -30.59 10.62
C VAL A 22 10.05 -31.99 10.96
N ASP A 23 11.37 -32.15 11.00
CA ASP A 23 12.03 -33.36 11.49
C ASP A 23 12.28 -33.16 12.98
N LYS A 24 11.46 -33.80 13.82
CA LYS A 24 11.49 -33.52 15.26
C LYS A 24 12.85 -33.80 15.89
N LYS A 25 13.68 -34.64 15.29
CA LYS A 25 14.92 -35.00 15.96
C LYS A 25 16.09 -34.10 15.58
N GLN A 26 16.03 -33.43 14.43
CA GLN A 26 17.10 -32.57 13.98
C GLN A 26 16.76 -31.08 14.01
N ASP A 27 15.49 -30.71 13.87
CA ASP A 27 15.16 -29.29 13.83
C ASP A 27 14.92 -28.74 15.23
N THR A 28 14.98 -27.42 15.35
CA THR A 28 14.74 -26.74 16.62
C THR A 28 13.76 -25.59 16.39
N ILE A 29 12.75 -25.55 17.21
CA ILE A 29 11.79 -24.46 17.23
C ILE A 29 12.35 -23.35 18.11
N VAL A 30 12.23 -22.11 17.65
CA VAL A 30 12.78 -20.94 18.33
C VAL A 30 11.60 -20.02 18.70
N LEU A 31 11.42 -19.77 19.99
CA LEU A 31 10.48 -18.77 20.51
C LEU A 31 11.25 -17.72 21.29
N CYS A 32 10.93 -16.45 21.06
CA CYS A 32 11.69 -15.38 21.71
C CYS A 32 10.76 -14.30 22.23
N GLU A 33 10.90 -13.96 23.51
CA GLU A 33 10.16 -12.82 24.05
C GLU A 33 10.94 -11.57 23.68
N VAL A 34 10.47 -10.88 22.64
CA VAL A 34 11.11 -9.68 22.10
C VAL A 34 10.07 -8.59 21.99
N MET A 35 10.32 -7.42 22.58
CA MET A 35 9.38 -6.31 22.52
C MET A 35 10.08 -5.07 21.97
N ALA A 36 9.81 -4.77 20.71
CA ALA A 36 10.41 -3.61 20.06
C ALA A 36 9.98 -2.30 20.73
N GLU A 37 8.72 -2.21 21.16
CA GLU A 37 8.19 -1.00 21.77
C GLU A 37 8.21 -1.06 23.30
N ALA A 38 9.22 -1.70 23.89
CA ALA A 38 9.22 -1.92 25.33
C ALA A 38 9.18 -0.62 26.12
N SER A 39 9.72 0.46 25.57
CA SER A 39 9.73 1.73 26.31
C SER A 39 8.44 2.53 26.13
N TYR A 40 7.48 2.02 25.36
CA TYR A 40 6.17 2.64 25.23
C TYR A 40 5.32 2.19 26.41
N VAL A 41 5.11 3.09 27.37
CA VAL A 41 4.42 2.75 28.62
C VAL A 41 2.94 2.49 28.42
N GLY A 42 2.36 2.83 27.27
CA GLY A 42 0.96 2.56 27.04
C GLY A 42 0.58 1.08 27.01
N HIS A 43 1.53 0.19 26.70
CA HIS A 43 1.21 -1.23 26.57
C HIS A 43 0.68 -1.81 27.88
N HIS A 44 -0.55 -2.34 27.83
CA HIS A 44 -1.23 -2.77 29.03
C HIS A 44 -0.44 -3.88 29.73
N LYS A 45 -0.26 -3.74 31.05
CA LYS A 45 0.51 -4.74 31.79
C LYS A 45 -0.08 -6.14 31.63
N LYS A 46 -1.42 -6.25 31.61
CA LYS A 46 -2.04 -7.55 31.45
C LYS A 46 -1.79 -8.15 30.07
N LYS A 47 -1.73 -7.29 29.03
CA LYS A 47 -1.42 -7.76 27.69
C LYS A 47 -0.01 -8.34 27.63
N ILE A 48 0.97 -7.61 28.17
CA ILE A 48 2.35 -8.12 28.15
C ILE A 48 2.41 -9.44 28.91
N ALA A 49 1.75 -9.51 30.07
CA ALA A 49 1.75 -10.74 30.84
C ALA A 49 1.06 -11.87 30.09
N PHE A 50 -0.02 -11.55 29.39
CA PHE A 50 -0.70 -12.57 28.59
C PHE A 50 0.21 -13.09 27.49
N TRP A 51 0.82 -12.19 26.72
CA TRP A 51 1.75 -12.59 25.67
C TRP A 51 2.75 -13.63 26.18
N PHE A 52 3.49 -13.27 27.23
CA PHE A 52 4.64 -14.08 27.65
C PHE A 52 4.20 -15.36 28.36
N SER A 53 3.18 -15.28 29.21
CA SER A 53 2.64 -16.51 29.79
C SER A 53 2.09 -17.42 28.69
N ALA A 54 1.38 -16.85 27.72
CA ALA A 54 0.85 -17.70 26.67
C ALA A 54 1.99 -18.37 25.90
N MET A 55 3.08 -17.62 25.67
CA MET A 55 4.18 -18.16 24.88
C MET A 55 4.94 -19.25 25.64
N ARG A 56 5.08 -19.09 26.97
CA ARG A 56 5.83 -20.07 27.75
C ARG A 56 5.07 -21.39 27.88
N HIS A 57 3.74 -21.32 28.01
CA HIS A 57 2.93 -22.54 28.01
C HIS A 57 3.01 -23.24 26.65
N PHE A 58 3.07 -22.46 25.55
CA PHE A 58 3.18 -23.08 24.23
C PHE A 58 4.53 -23.79 24.07
N ALA A 59 5.62 -23.19 24.56
CA ALA A 59 6.91 -23.87 24.50
C ALA A 59 6.85 -25.20 25.25
N GLU A 60 6.19 -25.22 26.39
CA GLU A 60 6.05 -26.46 27.15
C GLU A 60 5.18 -27.46 26.40
N GLU A 61 4.11 -26.98 25.75
CA GLU A 61 3.28 -27.87 24.95
C GLU A 61 4.06 -28.50 23.80
N LEU A 62 4.87 -27.70 23.10
CA LEU A 62 5.65 -28.26 22.00
C LEU A 62 6.67 -29.28 22.49
N ARG A 63 7.30 -29.05 23.64
CA ARG A 63 8.23 -30.05 24.15
C ARG A 63 7.50 -31.33 24.49
N GLY A 64 6.31 -31.23 25.09
CA GLY A 64 5.53 -32.42 25.38
C GLY A 64 5.18 -33.20 24.13
N GLU A 65 5.09 -32.51 22.99
CA GLU A 65 4.85 -33.16 21.72
C GLU A 65 6.11 -33.73 21.11
N GLY A 66 7.27 -33.57 21.75
CA GLY A 66 8.50 -34.12 21.22
C GLY A 66 9.35 -33.18 20.41
N TYR A 67 9.02 -31.89 20.40
CA TYR A 67 9.85 -30.94 19.66
C TYR A 67 11.04 -30.47 20.49
N ARG A 68 12.07 -30.03 19.79
CA ARG A 68 13.20 -29.36 20.40
C ARG A 68 12.93 -27.86 20.37
N VAL A 69 12.97 -27.22 21.54
CA VAL A 69 12.58 -25.82 21.68
C VAL A 69 13.69 -25.02 22.32
N ARG A 70 14.09 -23.95 21.64
CA ARG A 70 14.99 -22.96 22.21
C ARG A 70 14.17 -21.72 22.57
N TYR A 71 14.24 -21.31 23.83
CA TYR A 71 13.41 -20.25 24.36
C TYR A 71 14.28 -19.15 24.93
N THR A 72 13.96 -17.90 24.60
CA THR A 72 14.61 -16.73 25.20
C THR A 72 13.55 -15.91 25.93
N ARG A 73 13.77 -15.69 27.23
CA ARG A 73 12.81 -14.91 28.01
C ARG A 73 13.08 -13.41 27.89
N ILE A 74 12.05 -12.63 28.24
CA ILE A 74 12.18 -11.17 28.25
C ILE A 74 13.31 -10.75 29.17
N ASP A 75 13.52 -11.48 30.27
CA ASP A 75 14.46 -11.09 31.32
C ASP A 75 15.80 -11.83 31.22
N ASP A 76 16.04 -12.53 30.13
CA ASP A 76 17.33 -13.18 29.96
C ASP A 76 18.41 -12.13 29.68
N ALA A 77 19.59 -12.31 30.30
CA ALA A 77 20.63 -11.30 30.14
C ALA A 77 21.10 -11.19 28.70
N ASP A 78 21.05 -12.28 27.95
CA ASP A 78 21.54 -12.32 26.58
C ASP A 78 20.50 -11.91 25.55
N ASN A 79 19.29 -11.56 25.97
CA ASN A 79 18.24 -11.25 25.02
C ASN A 79 18.63 -10.07 24.15
N ALA A 80 18.69 -10.30 22.83
CA ALA A 80 19.21 -9.34 21.86
C ALA A 80 18.25 -8.20 21.56
N GLY A 81 16.98 -8.31 21.94
CA GLY A 81 16.04 -7.21 21.78
C GLY A 81 15.48 -7.01 20.39
N SER A 82 15.72 -7.94 19.46
CA SER A 82 15.19 -7.84 18.12
C SER A 82 15.13 -9.24 17.52
N PHE A 83 14.21 -9.46 16.59
CA PHE A 83 14.13 -10.78 15.96
C PHE A 83 15.41 -11.10 15.22
N THR A 84 15.99 -10.12 14.52
CA THR A 84 17.25 -10.38 13.84
C THR A 84 18.34 -10.79 14.82
N GLY A 85 18.48 -10.05 15.92
CA GLY A 85 19.52 -10.38 16.89
C GLY A 85 19.34 -11.77 17.49
N GLU A 86 18.09 -12.14 17.77
CA GLU A 86 17.81 -13.46 18.34
C GLU A 86 18.04 -14.57 17.32
N VAL A 87 17.62 -14.35 16.06
CA VAL A 87 17.87 -15.35 15.03
C VAL A 87 19.37 -15.53 14.81
N LYS A 88 20.15 -14.44 14.86
CA LYS A 88 21.60 -14.58 14.77
C LYS A 88 22.14 -15.40 15.94
N ARG A 89 21.65 -15.15 17.15
CA ARG A 89 22.12 -15.94 18.29
C ARG A 89 21.72 -17.39 18.15
N ALA A 90 20.54 -17.65 17.58
CA ALA A 90 20.09 -19.03 17.39
C ALA A 90 20.93 -19.74 16.33
N ILE A 91 21.24 -19.06 15.21
CA ILE A 91 22.08 -19.66 14.18
C ILE A 91 23.42 -20.09 14.78
N ASP A 92 24.01 -19.25 15.63
CA ASP A 92 25.30 -19.61 16.21
C ASP A 92 25.21 -20.89 17.01
N ASP A 93 24.11 -21.09 17.75
CA ASP A 93 23.97 -22.32 18.55
C ASP A 93 23.71 -23.53 17.67
N LEU A 94 22.72 -23.40 16.77
CA LEU A 94 22.13 -24.54 16.08
C LEU A 94 22.74 -24.86 14.73
N THR A 95 23.53 -23.95 14.16
CA THR A 95 24.13 -24.08 12.83
C THR A 95 23.14 -24.68 11.82
N PRO A 96 21.99 -24.05 11.61
CA PRO A 96 21.00 -24.61 10.68
C PRO A 96 21.45 -24.41 9.24
N SER A 97 20.83 -25.20 8.35
CA SER A 97 21.00 -24.99 6.92
C SER A 97 19.86 -24.19 6.30
N ARG A 98 18.80 -23.90 7.06
CA ARG A 98 17.67 -23.13 6.56
C ARG A 98 16.79 -22.67 7.72
N ILE A 99 16.09 -21.57 7.48
CA ILE A 99 15.14 -20.98 8.41
C ILE A 99 13.74 -21.16 7.82
N CYS A 100 12.81 -21.67 8.62
CA CYS A 100 11.40 -21.73 8.26
CA CYS A 100 11.40 -21.75 8.28
C CYS A 100 10.61 -20.81 9.18
N VAL A 101 9.73 -20.02 8.59
CA VAL A 101 8.93 -19.12 9.40
C VAL A 101 7.61 -18.84 8.68
N THR A 102 6.54 -18.70 9.46
CA THR A 102 5.23 -18.32 8.96
C THR A 102 5.14 -16.79 8.86
N GLU A 103 4.58 -16.31 7.75
CA GLU A 103 4.51 -14.88 7.50
C GLU A 103 3.88 -14.14 8.70
N PRO A 104 4.50 -13.06 9.17
CA PRO A 104 3.98 -12.34 10.35
C PRO A 104 2.76 -11.51 10.03
N GLY A 105 2.07 -11.07 11.08
CA GLY A 105 0.88 -10.26 10.92
C GLY A 105 1.11 -8.77 11.01
N GLU A 106 2.33 -8.30 10.74
CA GLU A 106 2.66 -6.86 10.80
C GLU A 106 3.57 -6.50 9.64
N TRP A 107 3.27 -5.38 8.97
CA TRP A 107 4.13 -4.87 7.89
C TRP A 107 5.59 -4.84 8.32
N ARG A 108 5.86 -4.20 9.47
CA ARG A 108 7.25 -3.98 9.85
C ARG A 108 7.97 -5.31 10.08
N VAL A 109 7.29 -6.25 10.74
CA VAL A 109 7.97 -7.52 11.02
C VAL A 109 8.16 -8.32 9.75
N ARG A 110 7.25 -8.22 8.79
CA ARG A 110 7.46 -8.95 7.55
C ARG A 110 8.71 -8.47 6.83
N SER A 111 8.92 -7.15 6.79
CA SER A 111 10.09 -6.64 6.10
C SER A 111 11.38 -7.05 6.79
N GLU A 112 11.42 -6.96 8.12
CA GLU A 112 12.58 -7.44 8.85
C GLU A 112 12.93 -8.87 8.45
N MET A 113 11.93 -9.73 8.33
CA MET A 113 12.23 -11.12 7.99
C MET A 113 12.65 -11.27 6.53
N ASP A 114 12.15 -10.39 5.65
CA ASP A 114 12.64 -10.38 4.27
C ASP A 114 14.13 -10.12 4.20
N GLY A 115 14.72 -9.55 5.25
CA GLY A 115 16.15 -9.31 5.30
C GLY A 115 16.99 -10.45 5.85
N PHE A 116 16.36 -11.49 6.41
CA PHE A 116 17.11 -12.59 7.00
C PHE A 116 18.04 -13.25 5.98
N ALA A 117 17.52 -13.51 4.78
CA ALA A 117 18.28 -14.30 3.82
C ALA A 117 19.61 -13.65 3.49
N GLY A 118 19.58 -12.33 3.25
CA GLY A 118 20.81 -11.61 2.94
C GLY A 118 21.71 -11.37 4.13
N ALA A 119 21.12 -11.15 5.31
CA ALA A 119 21.93 -10.84 6.49
C ALA A 119 22.67 -12.08 7.01
N PHE A 120 22.15 -13.29 6.79
CA PHE A 120 22.75 -14.50 7.33
C PHE A 120 23.29 -15.45 6.25
N GLY A 121 23.03 -15.19 4.98
CA GLY A 121 23.56 -16.05 3.93
C GLY A 121 23.03 -17.47 3.99
N ILE A 122 21.77 -17.63 4.39
CA ILE A 122 21.17 -18.94 4.57
C ILE A 122 19.76 -18.92 3.99
N GLN A 123 19.34 -20.07 3.46
CA GLN A 123 18.01 -20.21 2.87
C GLN A 123 16.92 -19.90 3.89
N VAL A 124 15.91 -19.13 3.45
CA VAL A 124 14.80 -18.70 4.28
C VAL A 124 13.52 -19.01 3.54
N ASP A 125 12.59 -19.67 4.21
CA ASP A 125 11.32 -20.05 3.60
C ASP A 125 10.21 -19.41 4.42
N ILE A 126 9.58 -18.38 3.88
CA ILE A 126 8.52 -17.67 4.56
C ILE A 126 7.20 -18.22 4.02
N ARG A 127 6.44 -18.90 4.87
CA ARG A 127 5.26 -19.63 4.45
C ARG A 127 3.99 -18.83 4.68
N SER A 128 3.06 -18.99 3.75
CA SER A 128 1.78 -18.30 3.86
C SER A 128 1.05 -18.79 5.11
N ASP A 129 0.43 -17.86 5.83
CA ASP A 129 -0.25 -18.23 7.07
C ASP A 129 -1.64 -18.74 6.71
N ARG A 130 -1.85 -20.05 6.79
CA ARG A 130 -3.11 -20.61 6.33
C ARG A 130 -4.25 -20.55 7.35
N ARG A 131 -4.05 -19.94 8.51
CA ARG A 131 -5.18 -19.66 9.40
C ARG A 131 -6.18 -18.65 8.82
N PHE A 132 -5.88 -18.04 7.68
CA PHE A 132 -6.78 -17.10 7.03
C PHE A 132 -7.29 -17.71 5.73
N LEU A 133 -8.56 -17.42 5.42
CA LEU A 133 -9.22 -18.08 4.30
C LEU A 133 -8.78 -17.54 2.95
N SER A 134 -8.31 -16.30 2.90
CA SER A 134 -7.93 -15.64 1.66
CA SER A 134 -7.93 -15.65 1.66
C SER A 134 -6.44 -15.35 1.69
N SER A 135 -5.74 -15.71 0.63
CA SER A 135 -4.37 -15.27 0.49
C SER A 135 -4.37 -13.79 0.14
N HIS A 136 -3.19 -13.14 0.25
CA HIS A 136 -3.09 -11.74 -0.18
C HIS A 136 -3.51 -11.60 -1.65
N GLY A 137 -3.05 -12.52 -2.49
CA GLY A 137 -3.37 -12.44 -3.91
C GLY A 137 -4.85 -12.64 -4.18
N GLU A 138 -5.48 -13.58 -3.48
CA GLU A 138 -6.91 -13.77 -3.68
C GLU A 138 -7.68 -12.52 -3.26
N PHE A 139 -7.30 -11.93 -2.14
CA PHE A 139 -8.04 -10.74 -1.72
C PHE A 139 -7.82 -9.59 -2.69
N ARG A 140 -6.59 -9.43 -3.20
CA ARG A 140 -6.36 -8.36 -4.15
C ARG A 140 -7.20 -8.56 -5.41
N ASN A 141 -7.26 -9.79 -5.92
CA ASN A 141 -8.08 -10.01 -7.09
C ASN A 141 -9.55 -9.82 -6.78
N TRP A 142 -9.99 -10.16 -5.56
CA TRP A 142 -11.38 -9.90 -5.22
C TRP A 142 -11.67 -8.40 -5.27
N ALA A 143 -10.80 -7.59 -4.65
CA ALA A 143 -11.01 -6.15 -4.64
C ALA A 143 -10.93 -5.54 -6.03
N ALA A 144 -10.13 -6.14 -6.94
CA ALA A 144 -9.98 -5.54 -8.26
C ALA A 144 -11.27 -5.62 -9.06
N GLY A 145 -12.04 -6.70 -8.87
CA GLY A 145 -13.33 -6.87 -9.54
C GLY A 145 -14.43 -5.99 -8.98
N ARG A 146 -14.31 -5.61 -7.71
CA ARG A 146 -15.16 -4.56 -7.17
C ARG A 146 -14.50 -3.21 -7.42
N LYS A 147 -15.23 -2.15 -7.15
CA LYS A 147 -14.66 -0.82 -7.17
C LYS A 147 -14.88 -0.17 -5.82
N SER A 148 -16.09 -0.35 -5.27
CA SER A 148 -16.41 0.00 -3.89
CA SER A 148 -16.40 0.00 -3.88
C SER A 148 -16.36 -1.27 -3.05
N LEU A 149 -15.44 -1.30 -2.08
CA LEU A 149 -15.32 -2.45 -1.19
C LEU A 149 -16.35 -2.37 -0.08
N THR A 150 -17.03 -3.48 0.19
CA THR A 150 -17.84 -3.58 1.39
C THR A 150 -17.62 -4.95 2.00
N MET A 151 -17.69 -4.99 3.33
CA MET A 151 -17.55 -6.26 4.03
C MET A 151 -18.59 -7.28 3.55
N GLU A 152 -19.84 -6.84 3.37
CA GLU A 152 -20.93 -7.81 3.11
C GLU A 152 -20.73 -8.59 1.82
N TYR A 153 -20.16 -7.97 0.78
CA TYR A 153 -19.86 -8.73 -0.43
C TYR A 153 -18.80 -9.81 -0.15
N PHE A 154 -17.73 -9.42 0.55
CA PHE A 154 -16.67 -10.38 0.84
C PHE A 154 -17.19 -11.50 1.72
N TYR A 155 -17.99 -11.15 2.73
CA TYR A 155 -18.59 -12.15 3.62
C TYR A 155 -19.35 -13.21 2.84
N ARG A 156 -20.14 -12.80 1.83
CA ARG A 156 -20.87 -13.78 1.04
C ARG A 156 -19.91 -14.75 0.36
N GLU A 157 -18.75 -14.27 -0.09
CA GLU A 157 -17.77 -15.17 -0.70
C GLU A 157 -17.16 -16.11 0.34
N MET A 158 -16.92 -15.62 1.56
CA MET A 158 -16.42 -16.48 2.62
C MET A 158 -17.50 -17.47 3.07
N ARG A 159 -18.78 -17.09 3.02
CA ARG A 159 -19.82 -18.05 3.35
C ARG A 159 -19.83 -19.20 2.34
N ARG A 160 -19.66 -18.89 1.05
CA ARG A 160 -19.61 -19.93 0.03
C ARG A 160 -18.35 -20.78 0.14
N LYS A 161 -17.20 -20.17 0.39
CA LYS A 161 -15.95 -20.92 0.43
C LYS A 161 -15.92 -21.89 1.61
N THR A 162 -16.45 -21.47 2.77
CA THR A 162 -16.37 -22.34 3.95
C THR A 162 -17.52 -23.34 4.00
N GLY A 163 -18.67 -23.00 3.38
CA GLY A 163 -19.88 -23.77 3.55
C GLY A 163 -20.65 -23.47 4.81
N LEU A 164 -20.16 -22.56 5.65
CA LEU A 164 -20.81 -22.25 6.90
C LEU A 164 -22.22 -21.75 6.66
N LEU A 165 -23.18 -22.36 7.35
CA LEU A 165 -24.59 -22.01 7.21
C LEU A 165 -25.00 -21.93 5.74
N MET A 166 -24.51 -22.90 4.95
CA MET A 166 -24.90 -23.03 3.56
C MET A 166 -25.72 -24.31 3.37
N ASN A 167 -26.78 -24.18 2.57
CA ASN A 167 -27.62 -25.28 2.12
C ASN A 167 -27.42 -25.30 0.61
N GLY A 168 -26.46 -26.09 0.15
CA GLY A 168 -26.03 -25.96 -1.23
C GLY A 168 -25.47 -24.57 -1.46
N GLU A 169 -26.00 -23.89 -2.47
CA GLU A 169 -25.56 -22.54 -2.82
C GLU A 169 -26.48 -21.45 -2.27
N GLN A 170 -27.49 -21.82 -1.47
CA GLN A 170 -28.46 -20.97 -0.79
C GLN A 170 -28.07 -20.83 0.68
N PRO A 171 -28.20 -19.64 1.27
CA PRO A 171 -27.93 -19.52 2.71
C PRO A 171 -29.00 -20.22 3.52
N VAL A 172 -28.55 -20.90 4.58
CA VAL A 172 -29.48 -21.50 5.54
C VAL A 172 -30.46 -20.43 6.04
N GLY A 173 -31.75 -20.75 5.96
CA GLY A 173 -32.81 -19.91 6.48
C GLY A 173 -33.36 -18.87 5.52
N GLY A 174 -32.91 -18.86 4.27
CA GLY A 174 -33.49 -17.97 3.26
C GLY A 174 -32.96 -16.55 3.25
N ARG A 175 -31.99 -16.23 4.11
CA ARG A 175 -31.49 -14.88 4.28
C ARG A 175 -29.99 -14.97 4.52
N TRP A 176 -29.21 -14.02 3.96
CA TRP A 176 -27.77 -14.05 4.20
C TRP A 176 -27.39 -13.49 5.56
N ASN A 177 -28.05 -12.41 5.98
CA ASN A 177 -27.64 -11.61 7.13
C ASN A 177 -28.87 -11.23 7.95
N PHE A 178 -28.78 -11.41 9.28
CA PHE A 178 -29.89 -11.13 10.19
C PHE A 178 -29.62 -9.93 11.09
N ASP A 179 -28.72 -9.03 10.67
CA ASP A 179 -28.33 -7.90 11.50
C ASP A 179 -29.56 -7.10 11.97
N ALA A 180 -30.59 -6.99 11.12
CA ALA A 180 -31.76 -6.17 11.43
C ALA A 180 -32.39 -6.56 12.77
N GLU A 181 -32.19 -7.81 13.22
CA GLU A 181 -32.82 -8.31 14.44
C GLU A 181 -31.91 -8.18 15.67
N ASN A 182 -30.75 -7.54 15.53
CA ASN A 182 -29.73 -7.53 16.57
C ASN A 182 -29.33 -6.11 16.98
N ARG A 183 -30.31 -5.18 17.08
CA ARG A 183 -29.99 -3.77 17.28
C ARG A 183 -30.72 -3.09 18.44
N GLN A 184 -31.53 -3.82 19.20
CA GLN A 184 -32.27 -3.22 20.30
C GLN A 184 -31.36 -2.91 21.49
N PRO A 185 -31.70 -1.90 22.29
CA PRO A 185 -31.08 -1.78 23.62
C PRO A 185 -31.52 -2.91 24.53
N ALA A 186 -30.79 -3.07 25.64
CA ALA A 186 -31.05 -4.13 26.59
C ALA A 186 -31.25 -3.57 28.00
N ARG A 187 -32.19 -4.15 28.73
CA ARG A 187 -32.30 -3.90 30.15
C ARG A 187 -31.39 -4.87 30.91
N PRO A 188 -31.00 -4.50 32.13
CA PRO A 188 -30.16 -5.42 32.92
C PRO A 188 -30.85 -6.76 33.14
N ASP A 189 -30.04 -7.82 33.18
CA ASP A 189 -30.52 -9.17 33.50
C ASP A 189 -29.54 -9.74 34.51
N LEU A 190 -29.96 -9.75 35.78
CA LEU A 190 -29.07 -10.17 36.86
C LEU A 190 -28.95 -11.69 37.00
N LEU A 191 -29.62 -12.47 36.16
CA LEU A 191 -29.41 -13.91 36.16
C LEU A 191 -28.43 -14.34 35.09
N ARG A 192 -27.99 -13.43 34.24
CA ARG A 192 -26.96 -13.74 33.28
C ARG A 192 -25.73 -14.29 33.99
N PRO A 193 -25.20 -15.44 33.58
CA PRO A 193 -24.06 -16.02 34.29
C PRO A 193 -22.79 -15.19 34.13
N LYS A 194 -21.88 -15.40 35.06
CA LYS A 194 -20.58 -14.75 35.02
C LYS A 194 -19.71 -15.45 33.98
N HIS A 195 -18.84 -14.67 33.32
CA HIS A 195 -17.92 -15.24 32.34
C HIS A 195 -16.80 -16.04 32.99
N PRO A 196 -16.20 -16.97 32.25
CA PRO A 196 -15.13 -17.81 32.84
C PRO A 196 -13.87 -17.01 33.13
N VAL A 197 -13.24 -17.29 34.26
CA VAL A 197 -11.92 -16.76 34.57
C VAL A 197 -11.03 -17.93 34.95
N PHE A 198 -9.72 -17.77 34.75
CA PHE A 198 -8.77 -18.85 34.98
C PHE A 198 -7.67 -18.36 35.92
N ALA A 199 -7.57 -19.00 37.08
CA ALA A 199 -6.61 -18.60 38.09
C ALA A 199 -5.19 -18.75 37.55
N PRO A 200 -4.30 -17.76 37.80
CA PRO A 200 -2.91 -17.87 37.34
C PRO A 200 -2.21 -19.08 37.94
N ASP A 201 -1.55 -19.87 37.09
CA ASP A 201 -0.75 -20.99 37.61
C ASP A 201 0.69 -20.52 37.90
N LYS A 202 1.58 -21.46 38.18
CA LYS A 202 2.95 -21.12 38.59
C LYS A 202 3.64 -20.29 37.50
N ILE A 203 3.55 -20.72 36.24
CA ILE A 203 4.23 -19.98 35.18
C ILE A 203 3.66 -18.57 35.06
N THR A 204 2.34 -18.44 35.15
CA THR A 204 1.71 -17.13 34.97
C THR A 204 2.06 -16.19 36.13
N LYS A 205 2.11 -16.71 37.35
CA LYS A 205 2.48 -15.86 38.49
C LYS A 205 3.88 -15.30 38.31
N GLU A 206 4.80 -16.14 37.83
CA GLU A 206 6.17 -15.70 37.56
C GLU A 206 6.19 -14.62 36.49
N VAL A 207 5.43 -14.79 35.40
CA VAL A 207 5.36 -13.74 34.38
C VAL A 207 4.78 -12.47 34.98
N ILE A 208 3.71 -12.60 35.77
CA ILE A 208 3.06 -11.44 36.37
C ILE A 208 4.06 -10.65 37.22
N ASP A 209 4.83 -11.36 38.05
CA ASP A 209 5.83 -10.68 38.87
C ASP A 209 6.90 -10.03 38.00
N THR A 210 7.29 -10.69 36.90
CA THR A 210 8.31 -10.10 36.03
C THR A 210 7.80 -8.82 35.35
N VAL A 211 6.56 -8.85 34.85
CA VAL A 211 6.00 -7.68 34.20
C VAL A 211 5.91 -6.52 35.18
N GLU A 212 5.44 -6.78 36.40
CA GLU A 212 5.40 -5.73 37.41
C GLU A 212 6.80 -5.16 37.64
N ARG A 213 7.81 -6.02 37.63
CA ARG A 213 9.18 -5.57 37.88
C ARG A 213 9.76 -4.80 36.69
N LEU A 214 9.53 -5.26 35.45
CA LEU A 214 10.18 -4.59 34.33
C LEU A 214 9.36 -3.50 33.66
N PHE A 215 8.05 -3.40 33.92
CA PHE A 215 7.22 -2.31 33.38
C PHE A 215 6.37 -1.68 34.48
N PRO A 216 7.00 -1.21 35.56
CA PRO A 216 6.20 -0.77 36.71
C PRO A 216 5.30 0.41 36.41
N ASP A 217 5.70 1.28 35.47
CA ASP A 217 4.94 2.49 35.19
C ASP A 217 4.07 2.37 33.95
N ASN A 218 3.82 1.14 33.48
CA ASN A 218 2.98 0.97 32.30
C ASN A 218 1.52 1.12 32.65
N PHE A 219 0.74 1.44 31.61
CA PHE A 219 -0.69 1.51 31.71
C PHE A 219 -1.27 0.20 32.21
N GLY A 220 -2.35 0.29 32.99
CA GLY A 220 -3.19 -0.85 33.30
C GLY A 220 -2.86 -1.49 34.64
N LYS A 221 -3.81 -2.29 35.13
CA LYS A 221 -3.67 -3.02 36.39
C LYS A 221 -3.41 -4.49 36.11
N LEU A 222 -2.58 -5.11 36.95
CA LEU A 222 -2.38 -6.55 36.87
C LEU A 222 -3.31 -7.33 37.79
N GLU A 223 -4.07 -6.67 38.66
CA GLU A 223 -4.90 -7.39 39.62
C GLU A 223 -5.95 -8.21 38.88
N ASN A 224 -6.26 -9.38 39.45
CA ASN A 224 -7.32 -10.25 38.92
C ASN A 224 -7.06 -10.66 37.48
N PHE A 225 -5.81 -11.01 37.18
CA PHE A 225 -5.50 -11.59 35.88
C PHE A 225 -6.24 -12.92 35.74
N GLY A 226 -7.11 -13.00 34.73
CA GLY A 226 -7.97 -14.16 34.55
C GLY A 226 -7.95 -14.78 33.16
N PHE A 227 -7.03 -14.35 32.31
CA PHE A 227 -6.96 -14.89 30.96
C PHE A 227 -6.57 -16.37 30.96
N ALA A 228 -7.17 -17.14 30.06
CA ALA A 228 -6.66 -18.48 29.77
C ALA A 228 -5.34 -18.36 29.01
N VAL A 229 -4.38 -19.21 29.35
CA VAL A 229 -3.07 -19.19 28.72
C VAL A 229 -2.68 -20.55 28.15
N THR A 230 -3.56 -21.53 28.20
CA THR A 230 -3.34 -22.82 27.58
C THR A 230 -4.40 -23.06 26.53
N ARG A 231 -4.07 -23.92 25.56
CA ARG A 231 -5.02 -24.28 24.52
C ARG A 231 -6.29 -24.85 25.13
N THR A 232 -6.16 -25.73 26.12
CA THR A 232 -7.33 -26.38 26.71
C THR A 232 -8.20 -25.38 27.45
N ASP A 233 -7.60 -24.43 28.18
CA ASP A 233 -8.46 -23.47 28.85
C ASP A 233 -9.13 -22.52 27.87
N ALA A 234 -8.45 -22.16 26.77
CA ALA A 234 -9.10 -21.32 25.77
C ALA A 234 -10.33 -22.02 25.21
N GLU A 235 -10.25 -23.35 25.04
CA GLU A 235 -11.41 -24.10 24.58
C GLU A 235 -12.48 -24.18 25.65
N ARG A 236 -12.09 -24.18 26.92
CA ARG A 236 -13.09 -24.07 27.98
C ARG A 236 -13.78 -22.71 27.94
N ALA A 237 -13.07 -21.66 27.49
CA ALA A 237 -13.74 -20.38 27.34
C ALA A 237 -14.72 -20.41 26.16
N LEU A 238 -14.34 -21.05 25.06
CA LEU A 238 -15.25 -21.23 23.94
C LEU A 238 -16.51 -21.98 24.38
N SER A 239 -16.34 -23.12 25.07
CA SER A 239 -17.49 -23.88 25.55
C SER A 239 -18.39 -23.04 26.43
N ALA A 240 -17.80 -22.25 27.32
CA ALA A 240 -18.60 -21.41 28.20
C ALA A 240 -19.43 -20.41 27.41
N PHE A 241 -18.86 -19.83 26.34
CA PHE A 241 -19.61 -18.89 25.51
C PHE A 241 -20.80 -19.58 24.84
N ILE A 242 -20.56 -20.77 24.27
CA ILE A 242 -21.64 -21.44 23.55
C ILE A 242 -22.76 -21.85 24.51
N ASP A 243 -22.42 -22.34 25.70
CA ASP A 243 -23.47 -22.79 26.63
C ASP A 243 -24.24 -21.62 27.23
N ASP A 244 -23.59 -20.48 27.45
CA ASP A 244 -24.15 -19.46 28.33
C ASP A 244 -24.57 -18.18 27.63
N PHE A 245 -23.92 -17.78 26.53
CA PHE A 245 -24.13 -16.45 25.97
C PHE A 245 -24.52 -16.44 24.50
N LEU A 246 -24.20 -17.48 23.74
CA LEU A 246 -24.44 -17.44 22.31
C LEU A 246 -25.92 -17.28 21.99
N CYS A 247 -26.81 -17.89 22.79
CA CYS A 247 -28.21 -17.79 22.42
C CYS A 247 -28.73 -16.37 22.50
N ASN A 248 -28.09 -15.51 23.32
CA ASN A 248 -28.49 -14.11 23.47
C ASN A 248 -27.51 -13.15 22.79
N PHE A 249 -26.61 -13.67 21.95
CA PHE A 249 -25.55 -12.84 21.41
C PHE A 249 -26.10 -11.70 20.54
N GLY A 250 -27.03 -12.03 19.63
CA GLY A 250 -27.56 -11.00 18.77
C GLY A 250 -28.50 -10.05 19.51
N ALA A 251 -29.27 -10.58 20.46
CA ALA A 251 -30.23 -9.78 21.20
C ALA A 251 -29.61 -8.49 21.76
N THR A 252 -28.38 -8.57 22.28
CA THR A 252 -27.80 -7.45 23.01
C THR A 252 -26.53 -6.92 22.36
N GLN A 253 -26.33 -7.15 21.06
CA GLN A 253 -25.01 -6.97 20.47
C GLN A 253 -24.51 -5.53 20.57
N ASP A 254 -25.42 -4.55 20.55
CA ASP A 254 -25.05 -3.14 20.56
C ASP A 254 -25.34 -2.46 21.89
N ALA A 255 -25.70 -3.22 22.92
CA ALA A 255 -26.12 -2.65 24.20
C ALA A 255 -24.94 -2.46 25.14
N MET A 256 -25.10 -1.51 26.07
CA MET A 256 -24.07 -1.19 27.06
C MET A 256 -24.71 -1.00 28.43
N LEU A 257 -24.07 -1.54 29.47
CA LEU A 257 -24.63 -1.47 30.82
C LEU A 257 -23.52 -1.19 31.83
N GLN A 258 -23.79 -0.25 32.74
CA GLN A 258 -22.75 0.19 33.66
C GLN A 258 -22.25 -0.95 34.54
N ASP A 259 -23.14 -1.84 34.99
CA ASP A 259 -22.79 -2.89 35.94
C ASP A 259 -22.47 -4.24 35.27
N ASP A 260 -22.43 -4.29 33.94
CA ASP A 260 -22.18 -5.54 33.22
C ASP A 260 -21.22 -5.25 32.08
N PRO A 261 -19.92 -5.38 32.32
CA PRO A 261 -18.94 -5.08 31.25
C PRO A 261 -18.91 -6.09 30.10
N ASN A 262 -19.56 -7.24 30.21
CA ASN A 262 -19.41 -8.28 29.20
C ASN A 262 -20.69 -8.63 28.45
N LEU A 263 -21.86 -8.43 29.05
CA LEU A 263 -23.14 -8.82 28.45
C LEU A 263 -22.99 -10.21 27.85
N ASN A 264 -23.40 -10.41 26.60
CA ASN A 264 -23.36 -11.72 25.95
C ASN A 264 -22.20 -11.84 24.95
N HIS A 265 -21.13 -11.08 25.10
CA HIS A 265 -20.02 -11.25 24.18
C HIS A 265 -19.20 -12.49 24.53
N SER A 266 -18.41 -12.94 23.57
CA SER A 266 -17.69 -14.19 23.74
C SER A 266 -16.37 -14.03 24.48
N LEU A 267 -15.71 -12.87 24.36
CA LEU A 267 -14.40 -12.65 24.97
C LEU A 267 -13.41 -13.73 24.55
N LEU A 268 -13.40 -14.05 23.25
CA LEU A 268 -12.45 -15.01 22.69
C LEU A 268 -11.40 -14.39 21.76
N SER A 269 -11.52 -13.10 21.46
CA SER A 269 -10.58 -12.44 20.54
C SER A 269 -9.12 -12.59 20.98
N PHE A 270 -8.83 -12.47 22.28
CA PHE A 270 -7.44 -12.64 22.74
C PHE A 270 -6.89 -14.00 22.34
N TYR A 271 -7.74 -15.03 22.32
CA TYR A 271 -7.28 -16.39 22.07
C TYR A 271 -7.16 -16.68 20.58
N ILE A 272 -8.18 -16.31 19.81
CA ILE A 272 -8.12 -16.45 18.36
C ILE A 272 -6.89 -15.73 17.79
N ASN A 273 -6.59 -14.54 18.30
CA ASN A 273 -5.58 -13.71 17.64
C ASN A 273 -4.14 -14.16 17.90
N CYS A 274 -3.89 -14.98 18.93
CA CYS A 274 -2.55 -15.52 19.14
C CYS A 274 -2.44 -17.00 18.82
N GLY A 275 -3.53 -17.65 18.42
CA GLY A 275 -3.47 -19.03 17.97
C GLY A 275 -3.94 -20.06 18.97
N LEU A 276 -4.31 -19.66 20.19
CA LEU A 276 -4.87 -20.62 21.15
C LEU A 276 -6.23 -21.13 20.73
N LEU A 277 -6.98 -20.39 19.90
CA LEU A 277 -8.18 -20.91 19.26
C LEU A 277 -8.04 -20.68 17.76
N ASP A 278 -8.70 -21.53 16.98
CA ASP A 278 -8.73 -21.37 15.54
C ASP A 278 -10.05 -20.73 15.13
N ALA A 279 -9.98 -19.75 14.23
CA ALA A 279 -11.17 -18.97 13.85
C ALA A 279 -12.25 -19.86 13.24
N LEU A 280 -11.87 -20.74 12.32
CA LEU A 280 -12.88 -21.57 11.67
C LEU A 280 -13.45 -22.60 12.65
N ASP A 281 -12.62 -23.13 13.54
CA ASP A 281 -13.14 -24.03 14.56
C ASP A 281 -14.19 -23.33 15.44
N VAL A 282 -13.97 -22.05 15.77
CA VAL A 282 -14.94 -21.33 16.59
C VAL A 282 -16.27 -21.17 15.84
N CYS A 283 -16.22 -20.86 14.54
CA CYS A 283 -17.46 -20.72 13.80
C CYS A 283 -18.21 -22.04 13.71
N LYS A 284 -17.49 -23.15 13.50
CA LYS A 284 -18.14 -24.45 13.41
C LYS A 284 -18.78 -24.83 14.73
N ALA A 285 -18.16 -24.46 15.85
CA ALA A 285 -18.80 -24.67 17.15
C ALA A 285 -20.14 -23.95 17.22
N ALA A 286 -20.16 -22.67 16.81
CA ALA A 286 -21.42 -21.93 16.83
C ALA A 286 -22.42 -22.56 15.86
N GLU A 287 -21.96 -22.99 14.70
CA GLU A 287 -22.87 -23.59 13.73
C GLU A 287 -23.46 -24.88 14.28
N ARG A 288 -22.66 -25.67 14.99
CA ARG A 288 -23.22 -26.87 15.62
C ARG A 288 -24.29 -26.49 16.64
N ALA A 289 -24.03 -25.45 17.44
CA ALA A 289 -25.01 -25.01 18.42
C ALA A 289 -26.37 -24.76 17.77
N TYR A 290 -26.38 -24.19 16.56
CA TYR A 290 -27.66 -23.89 15.91
C TYR A 290 -28.44 -25.17 15.58
N HIS A 291 -27.75 -26.17 15.03
CA HIS A 291 -28.43 -27.40 14.61
C HIS A 291 -28.83 -28.27 15.79
N GLU A 292 -28.17 -28.12 16.93
CA GLU A 292 -28.56 -28.81 18.15
C GLU A 292 -29.57 -28.02 18.98
N GLY A 293 -30.06 -26.90 18.47
CA GLY A 293 -31.07 -26.12 19.16
C GLY A 293 -30.57 -25.27 20.30
N GLY A 294 -29.25 -25.08 20.43
CA GLY A 294 -28.75 -24.29 21.54
C GLY A 294 -28.81 -22.79 21.33
N ALA A 295 -29.00 -22.33 20.09
CA ALA A 295 -29.01 -20.90 19.81
C ALA A 295 -29.83 -20.65 18.55
N PRO A 296 -30.49 -19.49 18.47
CA PRO A 296 -31.24 -19.14 17.26
C PRO A 296 -30.35 -18.62 16.13
N LEU A 297 -30.92 -18.68 14.92
CA LEU A 297 -30.16 -18.40 13.71
C LEU A 297 -29.64 -16.97 13.66
N ASN A 298 -30.44 -15.99 14.06
CA ASN A 298 -29.94 -14.62 14.01
C ASN A 298 -28.73 -14.43 14.92
N ALA A 299 -28.69 -15.14 16.05
CA ALA A 299 -27.53 -15.06 16.95
C ALA A 299 -26.32 -15.77 16.34
N VAL A 300 -26.53 -16.97 15.76
CA VAL A 300 -25.40 -17.73 15.24
C VAL A 300 -24.81 -17.07 13.99
N GLU A 301 -25.67 -16.67 13.05
CA GLU A 301 -25.18 -15.99 11.86
C GLU A 301 -24.51 -14.67 12.21
N GLY A 302 -25.06 -13.94 13.19
CA GLY A 302 -24.43 -12.70 13.61
C GLY A 302 -23.05 -12.90 14.18
N PHE A 303 -22.88 -13.95 14.99
CA PHE A 303 -21.58 -14.29 15.57
C PHE A 303 -20.57 -14.67 14.49
N ILE A 304 -20.99 -15.54 13.57
CA ILE A 304 -20.13 -16.01 12.49
C ILE A 304 -19.78 -14.89 11.54
N ARG A 305 -20.71 -13.96 11.30
CA ARG A 305 -20.41 -12.83 10.43
C ARG A 305 -19.26 -11.99 10.98
N GLN A 306 -19.14 -11.87 12.30
CA GLN A 306 -18.07 -11.05 12.86
C GLN A 306 -16.67 -11.65 12.59
N ILE A 307 -16.59 -12.96 12.34
CA ILE A 307 -15.31 -13.66 12.25
C ILE A 307 -14.90 -13.93 10.81
N ILE A 308 -15.75 -14.63 10.03
CA ILE A 308 -15.43 -14.81 8.62
C ILE A 308 -15.85 -13.62 7.77
N GLY A 309 -16.60 -12.67 8.34
CA GLY A 309 -16.92 -11.41 7.71
C GLY A 309 -15.92 -10.34 8.12
N TRP A 310 -16.15 -9.69 9.25
CA TRP A 310 -15.29 -8.56 9.65
C TRP A 310 -13.84 -8.99 9.84
N ARG A 311 -13.61 -10.01 10.67
CA ARG A 311 -12.23 -10.26 11.05
C ARG A 311 -11.39 -10.65 9.84
N GLU A 312 -11.94 -11.49 8.96
CA GLU A 312 -11.20 -11.87 7.76
C GLU A 312 -11.08 -10.68 6.81
N TYR A 313 -12.10 -9.83 6.76
CA TYR A 313 -12.07 -8.63 5.92
C TYR A 313 -11.00 -7.65 6.39
N MET A 314 -10.91 -7.39 7.70
CA MET A 314 -9.90 -6.46 8.19
C MET A 314 -8.50 -6.94 7.81
N ARG A 315 -8.25 -8.25 7.90
CA ARG A 315 -6.94 -8.75 7.53
C ARG A 315 -6.62 -8.47 6.07
N GLY A 316 -7.59 -8.70 5.17
CA GLY A 316 -7.37 -8.38 3.77
C GLY A 316 -7.18 -6.89 3.52
N ILE A 317 -8.01 -6.05 4.16
CA ILE A 317 -7.86 -4.60 4.01
C ILE A 317 -6.48 -4.14 4.45
N TYR A 318 -6.01 -4.65 5.59
CA TYR A 318 -4.72 -4.24 6.12
C TYR A 318 -3.60 -4.51 5.13
N TRP A 319 -3.57 -5.69 4.52
CA TRP A 319 -2.48 -5.98 3.59
C TRP A 319 -2.69 -5.28 2.24
N LEU A 320 -3.94 -5.08 1.84
CA LEU A 320 -4.17 -4.43 0.55
C LEU A 320 -3.85 -2.94 0.62
N ALA A 321 -4.10 -2.29 1.77
CA ALA A 321 -3.92 -0.84 1.87
C ALA A 321 -2.47 -0.42 1.92
N GLY A 322 -1.56 -1.31 2.29
CA GLY A 322 -0.15 -0.97 2.32
C GLY A 322 0.29 -0.40 3.64
N PRO A 323 1.62 -0.34 3.84
CA PRO A 323 2.17 0.16 5.13
C PRO A 323 1.72 1.58 5.50
N ASP A 324 1.59 2.49 4.53
CA ASP A 324 1.30 3.89 4.85
C ASP A 324 -0.18 4.15 5.12
N TYR A 325 -1.01 3.12 5.13
CA TYR A 325 -2.40 3.26 5.56
C TYR A 325 -2.48 3.94 6.92
N VAL A 326 -1.48 3.72 7.78
CA VAL A 326 -1.47 4.29 9.12
C VAL A 326 -1.41 5.81 9.07
N ASP A 327 -0.97 6.39 7.94
CA ASP A 327 -0.91 7.83 7.75
C ASP A 327 -2.23 8.44 7.27
N SER A 328 -3.31 7.66 7.13
CA SER A 328 -4.57 8.23 6.65
C SER A 328 -5.10 9.28 7.63
N ASN A 329 -5.49 10.44 7.10
CA ASN A 329 -5.95 11.55 7.91
C ASN A 329 -6.89 12.39 7.04
N PHE A 330 -8.02 11.78 6.69
CA PHE A 330 -9.00 12.40 5.79
C PHE A 330 -9.43 13.80 6.25
N PHE A 331 -9.69 13.98 7.55
CA PHE A 331 -10.16 15.28 8.05
C PHE A 331 -9.03 16.21 8.48
N GLU A 332 -7.78 15.78 8.33
CA GLU A 332 -6.63 16.61 8.66
C GLU A 332 -6.62 17.03 10.13
N ASN A 333 -6.88 16.08 11.01
CA ASN A 333 -6.79 16.34 12.45
C ASN A 333 -5.34 16.43 12.92
N ASP A 334 -5.09 17.32 13.89
CA ASP A 334 -3.81 17.42 14.57
C ASP A 334 -3.89 17.43 16.09
N ARG A 335 -5.09 17.26 16.67
CA ARG A 335 -5.24 17.37 18.11
C ARG A 335 -4.74 16.10 18.80
N SER A 336 -4.07 16.28 19.93
CA SER A 336 -3.50 15.11 20.61
C SER A 336 -4.55 14.38 21.44
N LEU A 337 -4.23 13.16 21.83
CA LEU A 337 -5.18 12.36 22.58
C LEU A 337 -5.31 12.90 24.00
N PRO A 338 -6.51 13.19 24.48
CA PRO A 338 -6.65 13.75 25.84
C PRO A 338 -6.08 12.80 26.88
N VAL A 339 -5.41 13.37 27.89
CA VAL A 339 -4.72 12.58 28.90
C VAL A 339 -5.68 11.67 29.66
N PHE A 340 -6.97 11.98 29.68
CA PHE A 340 -7.90 11.13 30.43
C PHE A 340 -8.18 9.80 29.75
N TYR A 341 -7.74 9.60 28.50
CA TYR A 341 -7.74 8.26 27.93
C TYR A 341 -6.80 7.34 28.68
N TRP A 342 -5.81 7.88 29.36
CA TRP A 342 -4.88 7.04 30.10
C TRP A 342 -5.23 6.91 31.58
N THR A 343 -6.03 7.83 32.13
CA THR A 343 -6.33 7.82 33.55
C THR A 343 -7.78 7.53 33.88
N GLY A 344 -8.72 7.77 32.95
CA GLY A 344 -10.14 7.70 33.25
C GLY A 344 -10.70 8.89 34.00
N LYS A 345 -9.90 9.93 34.25
CA LYS A 345 -10.33 11.05 35.09
CA LYS A 345 -10.33 11.05 35.09
C LYS A 345 -11.09 12.06 34.22
N THR A 346 -12.34 11.71 33.91
CA THR A 346 -13.24 12.59 33.17
C THR A 346 -14.62 12.50 33.80
N HIS A 347 -15.36 13.61 33.72
CA HIS A 347 -16.73 13.62 34.24
C HIS A 347 -17.74 13.03 33.27
N MET A 348 -17.36 12.77 32.02
CA MET A 348 -18.29 12.08 31.14
C MET A 348 -18.40 10.64 31.63
N ASN A 349 -19.56 10.28 32.19
CA ASN A 349 -19.67 8.97 32.84
C ASN A 349 -19.38 7.82 31.87
N CYS A 350 -19.92 7.90 30.65
CA CYS A 350 -19.69 6.83 29.68
C CYS A 350 -18.20 6.64 29.41
N MET A 351 -17.50 7.74 29.14
CA MET A 351 -16.07 7.67 28.89
C MET A 351 -15.33 7.15 30.12
N ALA A 352 -15.72 7.63 31.31
CA ALA A 352 -15.05 7.23 32.53
C ALA A 352 -15.18 5.73 32.77
N LYS A 353 -16.39 5.19 32.57
CA LYS A 353 -16.62 3.78 32.84
CA LYS A 353 -16.62 3.78 32.84
C LYS A 353 -15.86 2.91 31.83
N VAL A 354 -15.93 3.26 30.55
CA VAL A 354 -15.26 2.45 29.54
C VAL A 354 -13.74 2.50 29.71
N ILE A 355 -13.18 3.67 30.00
CA ILE A 355 -11.73 3.74 30.19
C ILE A 355 -11.32 2.97 31.44
N THR A 356 -12.11 3.06 32.51
CA THR A 356 -11.85 2.30 33.72
C THR A 356 -11.86 0.80 33.45
N GLU A 357 -12.88 0.31 32.75
CA GLU A 357 -12.91 -1.10 32.37
C GLU A 357 -11.67 -1.47 31.56
N THR A 358 -11.22 -0.58 30.68
CA THR A 358 -9.99 -0.81 29.94
C THR A 358 -8.78 -0.88 30.87
N ILE A 359 -8.68 0.05 31.82
CA ILE A 359 -7.61 0.01 32.81
C ILE A 359 -7.63 -1.32 33.56
N GLU A 360 -8.80 -1.74 34.03
CA GLU A 360 -8.87 -2.90 34.90
C GLU A 360 -8.81 -4.23 34.13
N ASN A 361 -9.37 -4.29 32.92
CA ASN A 361 -9.56 -5.56 32.26
C ASN A 361 -8.80 -5.73 30.95
N ALA A 362 -8.23 -4.68 30.39
CA ALA A 362 -7.57 -4.78 29.08
C ALA A 362 -8.53 -5.28 28.01
N TYR A 363 -9.83 -5.00 28.17
CA TYR A 363 -10.86 -5.41 27.23
C TYR A 363 -12.02 -4.42 27.27
N ALA A 364 -12.62 -4.20 26.09
CA ALA A 364 -13.91 -3.51 25.96
C ALA A 364 -14.63 -4.13 24.77
N HIS A 365 -15.98 -4.19 24.83
CA HIS A 365 -16.64 -4.86 23.72
C HIS A 365 -16.87 -3.87 22.57
N HIS A 366 -17.31 -4.41 21.43
CA HIS A 366 -17.17 -3.69 20.17
C HIS A 366 -17.85 -2.33 20.20
N ILE A 367 -19.09 -2.28 20.69
CA ILE A 367 -19.82 -1.02 20.63
C ILE A 367 -19.23 0.04 21.56
N GLN A 368 -18.49 -0.37 22.59
CA GLN A 368 -17.80 0.62 23.42
C GLN A 368 -16.58 1.19 22.70
N ARG A 369 -15.79 0.34 22.03
CA ARG A 369 -14.67 0.83 21.23
C ARG A 369 -15.13 1.75 20.12
N LEU A 370 -16.31 1.48 19.55
CA LEU A 370 -16.74 2.25 18.39
C LEU A 370 -17.51 3.51 18.80
N MET A 371 -18.52 3.37 19.66
CA MET A 371 -19.47 4.44 19.91
C MET A 371 -19.17 5.28 21.15
N ILE A 372 -18.23 4.88 22.01
CA ILE A 372 -17.89 5.70 23.17
C ILE A 372 -16.53 6.35 22.94
N THR A 373 -15.44 5.60 23.18
CA THR A 373 -14.10 6.19 23.08
C THR A 373 -13.72 6.50 21.63
N GLY A 374 -14.20 5.72 20.66
CA GLY A 374 -13.87 5.97 19.28
C GLY A 374 -14.66 7.15 18.74
N ASN A 375 -15.96 7.14 19.03
CA ASN A 375 -16.84 8.23 18.64
C ASN A 375 -16.35 9.56 19.21
N PHE A 376 -15.94 9.57 20.48
CA PHE A 376 -15.47 10.82 21.07
C PHE A 376 -14.24 11.34 20.36
N ALA A 377 -13.26 10.47 20.14
CA ALA A 377 -12.03 10.85 19.42
C ALA A 377 -12.35 11.36 18.03
N LEU A 378 -13.33 10.75 17.36
CA LEU A 378 -13.74 11.22 16.04
C LEU A 378 -14.33 12.62 16.12
N LEU A 379 -15.28 12.82 17.03
CA LEU A 379 -15.93 14.12 17.16
C LEU A 379 -14.94 15.19 17.58
N ALA A 380 -13.99 14.83 18.46
CA ALA A 380 -13.06 15.83 18.98
C ALA A 380 -11.95 16.16 18.00
N GLY A 381 -11.91 15.52 16.84
CA GLY A 381 -10.88 15.77 15.85
C GLY A 381 -9.49 15.33 16.28
N ILE A 382 -9.38 14.18 16.94
CA ILE A 382 -8.09 13.71 17.40
C ILE A 382 -7.27 13.21 16.22
N ASP A 383 -5.96 13.45 16.26
CA ASP A 383 -5.06 12.90 15.27
C ASP A 383 -5.25 11.38 15.19
N PRO A 384 -5.64 10.83 14.03
CA PRO A 384 -5.97 9.41 13.99
C PRO A 384 -4.81 8.51 14.39
N LYS A 385 -3.59 8.95 14.15
CA LYS A 385 -2.44 8.15 14.57
C LYS A 385 -2.35 8.01 16.08
N ALA A 386 -2.74 9.07 16.82
CA ALA A 386 -2.74 8.98 18.28
C ALA A 386 -3.87 8.08 18.77
N VAL A 387 -5.01 8.10 18.09
CA VAL A 387 -6.08 7.15 18.41
C VAL A 387 -5.59 5.73 18.16
N HIS A 388 -4.97 5.51 17.00
CA HIS A 388 -4.37 4.22 16.68
C HIS A 388 -3.46 3.72 17.81
N ARG A 389 -2.50 4.54 18.24
CA ARG A 389 -1.57 4.08 19.28
C ARG A 389 -2.31 3.63 20.54
N TRP A 390 -3.37 4.35 20.93
CA TRP A 390 -4.07 3.97 22.16
C TRP A 390 -4.68 2.57 22.04
N TYR A 391 -5.45 2.33 20.96
CA TYR A 391 -6.11 1.02 20.80
C TYR A 391 -5.08 -0.10 20.68
N LEU A 392 -3.99 0.14 19.99
CA LEU A 392 -2.98 -0.91 19.84
C LEU A 392 -2.33 -1.23 21.18
N GLU A 393 -2.16 -0.23 22.05
CA GLU A 393 -1.44 -0.47 23.29
C GLU A 393 -2.33 -0.99 24.42
N VAL A 394 -3.60 -0.59 24.51
CA VAL A 394 -4.33 -0.84 25.76
C VAL A 394 -5.15 -2.14 25.79
N TYR A 395 -5.38 -2.81 24.66
CA TYR A 395 -6.26 -3.98 24.62
C TYR A 395 -5.49 -5.28 24.37
N ALA A 396 -5.79 -6.32 25.15
CA ALA A 396 -5.06 -7.58 25.10
C ALA A 396 -5.28 -8.38 23.81
N ASP A 397 -6.30 -8.04 23.00
CA ASP A 397 -6.49 -8.69 21.72
C ASP A 397 -5.94 -7.85 20.55
N ALA A 398 -5.12 -6.85 20.84
CA ALA A 398 -4.70 -5.89 19.82
C ALA A 398 -3.50 -6.40 19.04
N TYR A 399 -3.65 -6.43 17.71
CA TYR A 399 -2.56 -6.56 16.77
C TYR A 399 -2.86 -5.65 15.60
N GLU A 400 -1.81 -5.11 14.99
CA GLU A 400 -1.97 -4.03 14.02
C GLU A 400 -2.90 -4.43 12.88
N TRP A 401 -2.78 -5.66 12.38
CA TRP A 401 -3.54 -6.06 11.20
C TRP A 401 -5.05 -5.99 11.43
N VAL A 402 -5.51 -6.17 12.67
CA VAL A 402 -6.93 -6.13 12.95
C VAL A 402 -7.36 -4.80 13.56
N GLU A 403 -6.51 -4.23 14.42
CA GLU A 403 -6.80 -2.97 15.10
C GLU A 403 -6.79 -1.80 14.11
N LEU A 404 -5.80 -1.74 13.25
CA LEU A 404 -5.63 -0.54 12.40
C LEU A 404 -6.83 -0.31 11.48
N PRO A 405 -7.32 -1.30 10.73
CA PRO A 405 -8.49 -1.05 9.89
C PRO A 405 -9.74 -0.76 10.70
N ASN A 406 -9.85 -1.28 11.94
CA ASN A 406 -10.96 -0.90 12.79
C ASN A 406 -10.85 0.57 13.26
N VAL A 407 -9.64 1.04 13.56
CA VAL A 407 -9.46 2.43 14.00
C VAL A 407 -9.48 3.38 12.80
N ILE A 408 -8.57 3.18 11.84
CA ILE A 408 -8.45 4.11 10.72
C ILE A 408 -9.72 4.11 9.88
N GLY A 409 -10.27 2.94 9.63
CA GLY A 409 -11.39 2.79 8.73
C GLY A 409 -12.72 2.92 9.42
N MET A 410 -13.05 1.97 10.29
CA MET A 410 -14.42 1.91 10.81
C MET A 410 -14.69 3.07 11.75
N SER A 411 -13.83 3.27 12.74
CA SER A 411 -14.12 4.26 13.79
C SER A 411 -13.84 5.70 13.33
N GLN A 412 -12.61 5.98 12.90
CA GLN A 412 -12.22 7.37 12.67
C GLN A 412 -12.52 7.87 11.25
N PHE A 413 -12.93 6.98 10.33
CA PHE A 413 -13.23 7.36 8.95
C PHE A 413 -12.07 8.13 8.34
N ALA A 414 -10.86 7.86 8.84
CA ALA A 414 -9.69 8.63 8.43
C ALA A 414 -9.20 8.24 7.04
N ASP A 415 -9.73 7.15 6.49
CA ASP A 415 -9.48 6.80 5.10
C ASP A 415 -10.58 7.30 4.17
N GLY A 416 -11.47 8.15 4.66
CA GLY A 416 -12.52 8.68 3.80
C GLY A 416 -13.54 7.65 3.35
N GLY A 417 -13.62 6.51 4.02
CA GLY A 417 -14.58 5.50 3.66
C GLY A 417 -14.07 4.38 2.77
N PHE A 418 -12.74 4.16 2.73
CA PHE A 418 -12.16 3.15 1.84
C PHE A 418 -12.71 1.75 2.12
N LEU A 419 -12.97 1.40 3.38
CA LEU A 419 -13.41 0.02 3.54
C LEU A 419 -14.92 -0.13 3.56
N GLY A 420 -15.68 0.92 3.20
CA GLY A 420 -17.08 0.78 2.87
C GLY A 420 -18.05 1.06 4.00
N THR A 421 -17.57 1.41 5.18
CA THR A 421 -18.44 1.75 6.29
C THR A 421 -18.92 3.20 6.17
N LYS A 422 -19.92 3.54 6.94
CA LYS A 422 -20.37 4.92 7.01
C LYS A 422 -19.81 5.61 8.25
N PRO A 423 -19.80 6.94 8.27
CA PRO A 423 -19.35 7.65 9.48
C PRO A 423 -20.24 7.28 10.67
N TYR A 424 -19.59 6.91 11.79
CA TYR A 424 -20.31 6.50 12.98
C TYR A 424 -20.47 7.64 14.00
N ALA A 425 -20.36 8.88 13.56
CA ALA A 425 -20.61 10.00 14.46
C ALA A 425 -21.99 9.88 15.10
N ALA A 426 -22.06 10.06 16.41
CA ALA A 426 -23.32 9.98 17.12
C ALA A 426 -23.29 10.94 18.30
N SER A 427 -24.46 11.48 18.61
CA SER A 427 -24.61 12.44 19.70
C SER A 427 -24.89 11.71 21.01
N GLY A 428 -25.01 12.48 22.09
CA GLY A 428 -25.39 11.89 23.36
C GLY A 428 -26.73 11.21 23.32
N ASN A 429 -27.56 11.53 22.32
CA ASN A 429 -28.85 10.89 22.19
C ASN A 429 -28.69 9.40 21.87
N TYR A 430 -27.66 9.05 21.12
CA TYR A 430 -27.41 7.64 20.83
C TYR A 430 -26.96 6.90 22.09
N ILE A 431 -26.03 7.48 22.84
CA ILE A 431 -25.49 6.81 24.03
C ILE A 431 -26.58 6.64 25.09
N ASN A 432 -27.47 7.62 25.19
CA ASN A 432 -28.54 7.55 26.17
C ASN A 432 -29.53 6.45 25.83
N ARG A 433 -29.75 6.22 24.53
CA ARG A 433 -30.66 5.15 24.14
C ARG A 433 -30.00 3.77 24.29
N MET A 434 -28.75 3.63 23.88
CA MET A 434 -28.15 2.30 23.85
C MET A 434 -27.48 1.91 25.16
N SER A 435 -27.43 2.80 26.15
CA SER A 435 -26.75 2.51 27.41
C SER A 435 -27.49 3.16 28.56
N ASP A 436 -27.08 2.81 29.78
CA ASP A 436 -27.53 3.50 30.99
C ASP A 436 -26.41 4.33 31.62
N TYR A 437 -25.37 4.69 30.85
CA TYR A 437 -24.31 5.54 31.39
C TYR A 437 -24.85 6.91 31.81
N CYS A 438 -25.81 7.46 31.06
CA CYS A 438 -26.27 8.82 31.35
C CYS A 438 -27.03 8.90 32.66
N ASP A 439 -27.54 7.77 33.16
CA ASP A 439 -28.41 7.80 34.33
C ASP A 439 -27.67 8.30 35.55
N THR A 440 -26.37 8.06 35.65
CA THR A 440 -25.59 8.55 36.77
C THR A 440 -24.56 9.60 36.36
N CYS A 441 -24.73 10.20 35.17
CA CYS A 441 -23.82 11.21 34.68
C CYS A 441 -24.22 12.60 35.16
N ARG A 442 -23.23 13.43 35.46
CA ARG A 442 -23.50 14.83 35.82
C ARG A 442 -24.05 15.62 34.64
N TYR A 443 -23.77 15.21 33.41
CA TYR A 443 -24.29 15.91 32.24
C TYR A 443 -25.66 15.36 31.84
N ASP A 444 -26.32 16.08 30.95
CA ASP A 444 -27.70 15.78 30.55
C ASP A 444 -27.71 15.51 29.06
N PRO A 445 -28.01 14.28 28.61
CA PRO A 445 -27.94 13.99 27.17
C PRO A 445 -28.96 14.79 26.35
N LYS A 446 -30.00 15.35 26.99
CA LYS A 446 -31.05 16.09 26.31
C LYS A 446 -30.71 17.56 26.08
N GLU A 447 -29.62 18.06 26.66
CA GLU A 447 -29.22 19.45 26.55
C GLU A 447 -27.98 19.58 25.69
N ARG A 448 -27.98 20.56 24.79
CA ARG A 448 -26.80 20.83 23.99
C ARG A 448 -26.05 22.08 24.41
N LEU A 449 -26.73 23.11 24.93
CA LEU A 449 -26.05 24.30 25.44
C LEU A 449 -26.11 24.32 26.96
N GLY A 450 -25.30 25.21 27.55
CA GLY A 450 -25.26 25.35 28.99
C GLY A 450 -24.26 24.41 29.65
N ASP A 451 -24.00 24.69 30.93
CA ASP A 451 -22.98 23.96 31.68
C ASP A 451 -23.35 22.50 31.93
N ASN A 452 -24.65 22.14 31.95
CA ASN A 452 -25.08 20.76 32.14
C ASN A 452 -24.97 19.90 30.88
N ALA A 453 -24.76 20.49 29.71
CA ALA A 453 -24.98 19.76 28.48
C ALA A 453 -24.01 18.61 28.31
N CYS A 454 -24.50 17.50 27.79
CA CYS A 454 -23.63 16.42 27.38
C CYS A 454 -22.66 16.89 26.31
N PRO A 455 -21.34 16.75 26.50
CA PRO A 455 -20.39 17.27 25.49
C PRO A 455 -20.55 16.68 24.10
N PHE A 456 -21.08 15.45 23.97
CA PHE A 456 -21.24 14.85 22.64
C PHE A 456 -22.20 15.65 21.77
N ASN A 457 -23.14 16.38 22.35
CA ASN A 457 -24.17 17.00 21.53
C ASN A 457 -23.61 18.14 20.69
N ALA A 458 -22.99 19.13 21.32
CA ALA A 458 -22.40 20.21 20.53
C ALA A 458 -21.25 19.71 19.66
N LEU A 459 -20.44 18.76 20.16
CA LEU A 459 -19.33 18.25 19.36
C LEU A 459 -19.83 17.52 18.13
N TYR A 460 -20.96 16.81 18.25
CA TYR A 460 -21.53 16.15 17.07
C TYR A 460 -21.81 17.16 15.97
N TRP A 461 -22.49 18.27 16.29
CA TRP A 461 -22.79 19.25 15.23
C TRP A 461 -21.52 19.93 14.74
N ASP A 462 -20.58 20.21 15.65
CA ASP A 462 -19.35 20.87 15.24
C ASP A 462 -18.53 20.00 14.29
N PHE A 463 -18.45 18.69 14.58
CA PHE A 463 -17.83 17.75 13.68
C PHE A 463 -18.47 17.81 12.30
N LEU A 464 -19.80 17.75 12.24
CA LEU A 464 -20.46 17.79 10.93
C LEU A 464 -20.23 19.14 10.25
N ALA A 465 -20.27 20.23 11.02
CA ALA A 465 -20.14 21.55 10.40
C ALA A 465 -18.75 21.76 9.83
N ARG A 466 -17.70 21.46 10.60
CA ARG A 466 -16.35 21.79 10.15
C ARG A 466 -15.89 20.85 9.05
N ASN A 467 -16.51 19.68 8.91
CA ASN A 467 -16.17 18.74 7.84
C ASN A 467 -17.24 18.69 6.75
N ARG A 468 -18.06 19.74 6.62
CA ARG A 468 -19.20 19.69 5.71
C ARG A 468 -18.78 19.47 4.25
N GLU A 469 -17.73 20.16 3.79
CA GLU A 469 -17.34 20.00 2.40
C GLU A 469 -16.98 18.55 2.09
N LYS A 470 -16.31 17.86 3.02
CA LYS A 470 -15.92 16.48 2.76
C LYS A 470 -17.06 15.49 2.95
N LEU A 471 -18.09 15.81 3.73
CA LEU A 471 -19.12 14.84 4.07
C LEU A 471 -20.50 15.09 3.44
N LYS A 472 -20.72 16.22 2.75
CA LYS A 472 -22.09 16.58 2.39
C LYS A 472 -22.72 15.59 1.39
N SER A 473 -21.93 15.00 0.51
CA SER A 473 -22.45 14.02 -0.45
C SER A 473 -22.78 12.67 0.18
N ASN A 474 -22.37 12.42 1.41
CA ASN A 474 -22.58 11.13 2.06
C ASN A 474 -24.07 10.92 2.33
N HIS A 475 -24.66 9.90 1.70
CA HIS A 475 -26.11 9.70 1.81
C HIS A 475 -26.55 9.58 3.28
N ARG A 476 -25.77 8.89 4.10
CA ARG A 476 -26.25 8.58 5.45
C ARG A 476 -26.25 9.81 6.35
N LEU A 477 -25.62 10.92 5.94
CA LEU A 477 -25.62 12.15 6.71
C LEU A 477 -26.59 13.19 6.18
N ALA A 478 -27.45 12.83 5.21
CA ALA A 478 -28.30 13.83 4.55
C ALA A 478 -29.31 14.43 5.53
N GLN A 479 -30.00 13.58 6.30
CA GLN A 479 -30.97 14.11 7.26
C GLN A 479 -30.29 15.00 8.29
N PRO A 480 -29.18 14.59 8.92
CA PRO A 480 -28.49 15.49 9.87
C PRO A 480 -28.11 16.83 9.25
N TYR A 481 -27.52 16.83 8.05
CA TYR A 481 -27.18 18.10 7.41
C TYR A 481 -28.43 18.91 7.08
N ALA A 482 -29.56 18.25 6.82
CA ALA A 482 -30.79 18.98 6.58
C ALA A 482 -31.27 19.68 7.86
N THR A 483 -31.30 18.94 8.98
CA THR A 483 -31.66 19.55 10.25
C THR A 483 -30.78 20.76 10.55
N TRP A 484 -29.47 20.61 10.31
CA TRP A 484 -28.50 21.69 10.56
C TRP A 484 -28.82 22.94 9.75
N ALA A 485 -29.17 22.78 8.48
CA ALA A 485 -29.44 23.93 7.63
C ALA A 485 -30.76 24.61 7.98
N ARG A 486 -31.64 23.97 8.73
CA ARG A 486 -32.91 24.59 9.12
C ARG A 486 -32.85 25.30 10.46
N MET A 487 -31.78 25.16 11.23
CA MET A 487 -31.60 25.93 12.44
C MET A 487 -31.31 27.39 12.09
N SER A 488 -31.60 28.30 13.03
CA SER A 488 -31.24 29.69 12.79
C SER A 488 -29.72 29.85 12.85
N GLU A 489 -29.23 30.92 12.23
CA GLU A 489 -27.80 31.21 12.27
C GLU A 489 -27.32 31.32 13.72
N ASP A 490 -28.14 31.92 14.58
CA ASP A 490 -27.74 32.13 15.97
C ASP A 490 -27.63 30.80 16.72
N VAL A 491 -28.51 29.84 16.41
CA VAL A 491 -28.40 28.52 17.03
C VAL A 491 -27.16 27.80 16.52
N ARG A 492 -26.93 27.82 15.20
CA ARG A 492 -25.74 27.15 14.69
C ARG A 492 -24.49 27.78 15.29
N HIS A 493 -24.49 29.11 15.43
CA HIS A 493 -23.33 29.79 15.95
C HIS A 493 -23.11 29.43 17.42
N ASP A 494 -24.19 29.32 18.19
CA ASP A 494 -24.03 28.99 19.60
C ASP A 494 -23.57 27.55 19.81
N LEU A 495 -23.99 26.63 18.94
CA LEU A 495 -23.51 25.25 19.06
C LEU A 495 -22.01 25.15 18.81
N ARG A 496 -21.52 25.85 17.79
CA ARG A 496 -20.10 25.80 17.47
C ARG A 496 -19.27 26.51 18.53
N ALA A 497 -19.78 27.60 19.11
CA ALA A 497 -19.05 28.25 20.19
C ALA A 497 -18.97 27.35 21.41
N LYS A 498 -20.05 26.62 21.71
CA LYS A 498 -20.01 25.68 22.82
C LYS A 498 -19.02 24.55 22.55
N ALA A 499 -19.01 24.04 21.32
CA ALA A 499 -18.03 23.01 20.96
C ALA A 499 -16.60 23.55 21.09
N ALA A 500 -16.36 24.76 20.59
CA ALA A 500 -15.05 25.38 20.70
C ALA A 500 -14.64 25.50 22.16
N ALA A 501 -15.57 25.88 23.04
CA ALA A 501 -15.23 25.97 24.45
C ALA A 501 -14.82 24.61 25.00
N PHE A 502 -15.47 23.54 24.54
CA PHE A 502 -15.05 22.24 25.05
C PHE A 502 -13.69 21.82 24.45
N LEU A 503 -13.50 22.04 23.15
CA LEU A 503 -12.20 21.74 22.56
C LEU A 503 -11.11 22.60 23.19
N ARG A 504 -11.44 23.81 23.63
CA ARG A 504 -10.49 24.66 24.33
C ARG A 504 -10.04 24.03 25.64
N LYS A 505 -10.97 23.42 26.38
CA LYS A 505 -10.58 22.73 27.61
C LYS A 505 -9.60 21.60 27.31
N LEU A 506 -9.83 20.88 26.21
CA LEU A 506 -8.88 19.83 25.81
C LEU A 506 -7.51 20.43 25.47
N ASP A 507 -7.48 21.50 24.68
CA ASP A 507 -6.20 22.01 24.21
C ASP A 507 -5.39 22.59 25.36
N ALA A 508 -6.05 23.23 26.33
CA ALA A 508 -5.32 23.83 27.45
C ALA A 508 -4.68 22.75 28.31
N ALA A 509 -5.39 21.64 28.54
CA ALA A 509 -4.80 20.52 29.26
C ALA A 509 -3.66 19.88 28.47
N ALA A 510 -3.84 19.75 27.16
CA ALA A 510 -2.80 19.12 26.34
C ALA A 510 -1.50 19.91 26.38
N LEU A 511 -1.59 21.24 26.39
CA LEU A 511 -0.45 22.14 26.40
C LEU A 511 0.08 22.37 27.80
N GLU A 512 -0.19 21.43 28.71
CA GLU A 512 0.52 21.30 29.99
C GLU A 512 1.76 20.42 29.82
N HIS A 513 1.56 19.14 29.54
CA HIS A 513 2.64 18.17 29.43
C HIS A 513 3.74 18.62 28.48
N SER B 2 28.26 18.85 12.45
CA SER B 2 28.30 18.87 10.99
C SER B 2 27.31 17.88 10.39
N GLN B 3 26.89 18.14 9.16
CA GLN B 3 25.90 17.33 8.47
C GLN B 3 26.57 16.46 7.42
N LEU B 4 26.11 15.22 7.33
CA LEU B 4 26.32 14.38 6.17
C LEU B 4 25.08 14.53 5.30
N VAL B 5 25.23 15.10 4.11
CA VAL B 5 24.11 15.39 3.21
C VAL B 5 24.16 14.37 2.09
N LEU B 6 23.24 13.42 2.14
CA LEU B 6 23.18 12.35 1.18
C LEU B 6 22.28 12.75 0.02
N ILE B 7 22.77 12.61 -1.21
CA ILE B 7 22.02 12.90 -2.43
C ILE B 7 22.08 11.67 -3.32
N LEU B 8 20.91 11.21 -3.78
CA LEU B 8 20.85 9.98 -4.56
C LEU B 8 20.91 10.26 -6.08
N GLY B 9 21.11 9.20 -6.85
CA GLY B 9 21.38 9.30 -8.28
C GLY B 9 20.31 10.00 -9.11
N ASP B 10 19.07 10.02 -8.63
CA ASP B 10 18.01 10.73 -9.34
C ASP B 10 17.66 12.05 -8.66
N GLN B 11 18.55 12.60 -7.85
CA GLN B 11 18.31 13.85 -7.13
C GLN B 11 19.36 14.90 -7.47
N LEU B 12 19.74 14.98 -8.75
CA LEU B 12 20.87 15.80 -9.19
C LEU B 12 20.40 17.23 -9.49
N SER B 13 20.00 17.92 -8.42
CA SER B 13 19.53 19.30 -8.47
C SER B 13 20.20 20.09 -7.35
N PRO B 14 20.73 21.28 -7.64
CA PRO B 14 21.30 22.09 -6.55
C PRO B 14 20.25 22.67 -5.62
N SER B 15 18.95 22.54 -5.94
CA SER B 15 17.90 22.95 -5.01
CA SER B 15 17.88 22.95 -5.04
C SER B 15 17.10 21.77 -4.49
N ILE B 16 17.67 20.57 -4.57
CA ILE B 16 17.06 19.41 -3.92
C ILE B 16 16.90 19.72 -2.42
N ALA B 17 15.83 19.19 -1.82
CA ALA B 17 15.49 19.57 -0.44
C ALA B 17 16.65 19.35 0.55
N ALA B 18 17.43 18.28 0.40
CA ALA B 18 18.49 18.01 1.39
C ALA B 18 19.53 19.11 1.47
N LEU B 19 19.66 19.94 0.44
CA LEU B 19 20.64 21.00 0.48
C LEU B 19 20.17 22.24 1.24
N ASP B 20 18.90 22.29 1.65
CA ASP B 20 18.41 23.40 2.47
C ASP B 20 19.23 23.53 3.73
N GLY B 21 19.73 24.74 3.99
CA GLY B 21 20.39 25.02 5.27
C GLY B 21 21.73 24.34 5.46
N VAL B 22 22.41 23.99 4.37
CA VAL B 22 23.74 23.42 4.47
C VAL B 22 24.75 24.50 4.81
N ASP B 23 25.68 24.18 5.72
CA ASP B 23 26.85 25.00 6.00
C ASP B 23 27.97 24.50 5.09
N LYS B 24 28.24 25.25 4.01
CA LYS B 24 29.18 24.79 2.98
C LYS B 24 30.57 24.48 3.54
N LYS B 25 30.91 25.03 4.69
CA LYS B 25 32.26 24.90 5.20
C LYS B 25 32.44 23.77 6.20
N GLN B 26 31.36 23.34 6.85
CA GLN B 26 31.44 22.21 7.78
C GLN B 26 30.76 20.96 7.26
N ASP B 27 29.72 21.07 6.43
CA ASP B 27 29.01 19.89 6.00
C ASP B 27 29.67 19.30 4.76
N THR B 28 29.35 18.04 4.47
CA THR B 28 29.89 17.30 3.34
C THR B 28 28.73 16.64 2.60
N ILE B 29 28.69 16.82 1.28
CA ILE B 29 27.74 16.14 0.40
C ILE B 29 28.32 14.79 0.01
N VAL B 30 27.48 13.75 0.03
CA VAL B 30 27.89 12.39 -0.23
C VAL B 30 27.14 11.86 -1.45
N LEU B 31 27.88 11.54 -2.51
CA LEU B 31 27.34 10.87 -3.68
C LEU B 31 28.08 9.55 -3.85
N CYS B 32 27.34 8.47 -4.11
CA CYS B 32 28.01 7.19 -4.30
C CYS B 32 27.32 6.40 -5.40
N GLU B 33 28.13 5.84 -6.31
CA GLU B 33 27.63 4.97 -7.37
C GLU B 33 27.42 3.59 -6.75
N VAL B 34 26.16 3.28 -6.47
CA VAL B 34 25.72 2.04 -5.82
C VAL B 34 24.66 1.39 -6.69
N MET B 35 24.87 0.14 -7.07
CA MET B 35 23.89 -0.59 -7.87
C MET B 35 23.57 -1.92 -7.19
N ALA B 36 22.46 -1.96 -6.44
CA ALA B 36 22.05 -3.18 -5.76
C ALA B 36 21.78 -4.31 -6.75
N GLU B 37 21.26 -3.97 -7.93
CA GLU B 37 20.94 -4.97 -8.97
C GLU B 37 22.05 -5.09 -10.00
N ALA B 38 23.31 -4.95 -9.58
CA ALA B 38 24.43 -4.91 -10.52
C ALA B 38 24.55 -6.18 -11.35
N SER B 39 24.15 -7.33 -10.82
CA SER B 39 24.23 -8.60 -11.54
C SER B 39 23.04 -8.86 -12.44
N TYR B 40 22.07 -7.95 -12.53
CA TYR B 40 20.96 -8.09 -13.46
C TYR B 40 21.39 -7.61 -14.83
N VAL B 41 21.63 -8.54 -15.75
CA VAL B 41 22.17 -8.18 -17.07
C VAL B 41 21.19 -7.39 -17.95
N GLY B 42 19.90 -7.31 -17.59
CA GLY B 42 18.96 -6.53 -18.38
C GLY B 42 19.20 -5.02 -18.37
N HIS B 43 19.82 -4.51 -17.32
CA HIS B 43 20.00 -3.06 -17.24
C HIS B 43 20.81 -2.53 -18.42
N HIS B 44 20.20 -1.62 -19.21
CA HIS B 44 20.82 -1.17 -20.44
C HIS B 44 22.15 -0.47 -20.16
N LYS B 45 23.17 -0.80 -20.97
CA LYS B 45 24.49 -0.22 -20.74
C LYS B 45 24.49 1.30 -20.85
N LYS B 46 23.70 1.86 -21.78
CA LYS B 46 23.60 3.31 -21.88
C LYS B 46 22.94 3.92 -20.66
N LYS B 47 21.98 3.23 -20.05
CA LYS B 47 21.37 3.75 -18.83
C LYS B 47 22.39 3.81 -17.69
N ILE B 48 23.15 2.73 -17.49
CA ILE B 48 24.17 2.73 -16.45
C ILE B 48 25.20 3.83 -16.73
N ALA B 49 25.62 3.98 -17.99
CA ALA B 49 26.61 5.01 -18.30
C ALA B 49 26.04 6.40 -18.05
N PHE B 50 24.77 6.62 -18.37
CA PHE B 50 24.14 7.91 -18.13
C PHE B 50 24.06 8.23 -16.64
N TRP B 51 23.55 7.29 -15.84
CA TRP B 51 23.50 7.49 -14.39
C TRP B 51 24.82 8.01 -13.87
N PHE B 52 25.91 7.28 -14.16
CA PHE B 52 27.19 7.55 -13.52
C PHE B 52 27.85 8.80 -14.09
N SER B 53 27.78 9.00 -15.40
CA SER B 53 28.31 10.24 -15.95
C SER B 53 27.53 11.44 -15.41
N ALA B 54 26.20 11.33 -15.37
CA ALA B 54 25.41 12.43 -14.85
C ALA B 54 25.76 12.73 -13.39
N MET B 55 26.01 11.69 -12.59
CA MET B 55 26.32 11.91 -11.18
C MET B 55 27.70 12.53 -10.99
N ARG B 56 28.67 12.12 -11.82
CA ARG B 56 30.02 12.68 -11.70
C ARG B 56 30.06 14.13 -12.15
N HIS B 57 29.33 14.47 -13.21
CA HIS B 57 29.27 15.88 -13.58
C HIS B 57 28.57 16.69 -12.49
N PHE B 58 27.58 16.10 -11.83
CA PHE B 58 26.89 16.81 -10.75
C PHE B 58 27.85 17.07 -9.58
N ALA B 59 28.72 16.10 -9.28
CA ALA B 59 29.70 16.33 -8.23
C ALA B 59 30.59 17.52 -8.57
N GLU B 60 31.00 17.65 -9.84
CA GLU B 60 31.83 18.78 -10.21
C GLU B 60 31.04 20.08 -10.11
N GLU B 61 29.78 20.06 -10.55
CA GLU B 61 28.95 21.25 -10.44
C GLU B 61 28.81 21.69 -8.98
N LEU B 62 28.58 20.73 -8.07
CA LEU B 62 28.48 21.11 -6.66
C LEU B 62 29.80 21.66 -6.16
N ARG B 63 30.94 21.16 -6.65
CA ARG B 63 32.21 21.71 -6.21
C ARG B 63 32.35 23.16 -6.66
N GLY B 64 31.96 23.46 -7.89
CA GLY B 64 32.01 24.84 -8.34
C GLY B 64 31.13 25.76 -7.50
N GLU B 65 30.05 25.20 -6.95
CA GLU B 65 29.16 25.99 -6.10
C GLU B 65 29.72 26.20 -4.70
N GLY B 66 30.86 25.59 -4.39
CA GLY B 66 31.49 25.78 -3.10
C GLY B 66 31.23 24.69 -2.08
N TYR B 67 30.59 23.59 -2.46
CA TYR B 67 30.31 22.51 -1.52
C TYR B 67 31.52 21.58 -1.41
N ARG B 68 31.57 20.86 -0.30
CA ARG B 68 32.53 19.78 -0.10
C ARG B 68 31.86 18.48 -0.45
N VAL B 69 32.46 17.70 -1.35
CA VAL B 69 31.81 16.52 -1.90
C VAL B 69 32.68 15.29 -1.67
N ARG B 70 32.08 14.25 -1.10
CA ARG B 70 32.71 12.95 -1.00
C ARG B 70 32.06 12.04 -2.04
N TYR B 71 32.86 11.45 -2.91
CA TYR B 71 32.37 10.67 -4.03
C TYR B 71 32.95 9.27 -3.99
N THR B 72 32.12 8.25 -4.18
CA THR B 72 32.55 6.86 -4.31
C THR B 72 32.14 6.35 -5.69
N ARG B 73 33.11 5.92 -6.48
CA ARG B 73 32.83 5.43 -7.82
C ARG B 73 32.41 3.97 -7.78
N ILE B 74 31.71 3.54 -8.83
CA ILE B 74 31.25 2.16 -8.96
C ILE B 74 32.40 1.16 -8.80
N ASP B 75 33.58 1.48 -9.32
CA ASP B 75 34.68 0.52 -9.36
C ASP B 75 35.73 0.77 -8.29
N ASP B 76 35.43 1.60 -7.28
CA ASP B 76 36.35 1.78 -6.18
C ASP B 76 36.38 0.49 -5.38
N ALA B 77 37.57 0.02 -5.02
CA ALA B 77 37.68 -1.29 -4.37
C ALA B 77 36.98 -1.31 -3.01
N ASP B 78 36.89 -0.17 -2.33
CA ASP B 78 36.24 -0.08 -1.03
C ASP B 78 34.75 0.18 -1.11
N ASN B 79 34.19 0.30 -2.31
CA ASN B 79 32.77 0.58 -2.44
C ASN B 79 31.99 -0.55 -1.77
N ALA B 80 31.18 -0.20 -0.76
CA ALA B 80 30.50 -1.19 0.06
C ALA B 80 29.35 -1.89 -0.66
N GLY B 81 28.90 -1.37 -1.80
CA GLY B 81 27.87 -2.04 -2.56
C GLY B 81 26.46 -1.84 -2.03
N SER B 82 26.27 -0.92 -1.08
CA SER B 82 24.93 -0.66 -0.57
C SER B 82 24.91 0.74 0.03
N PHE B 83 23.73 1.37 0.01
CA PHE B 83 23.62 2.69 0.62
C PHE B 83 23.96 2.62 2.09
N THR B 84 23.46 1.59 2.77
CA THR B 84 23.79 1.42 4.18
C THR B 84 25.30 1.27 4.36
N GLY B 85 25.92 0.43 3.54
CA GLY B 85 27.36 0.23 3.66
C GLY B 85 28.15 1.49 3.40
N GLU B 86 27.76 2.27 2.37
CA GLU B 86 28.47 3.50 2.05
C GLU B 86 28.23 4.58 3.09
N VAL B 87 26.99 4.69 3.56
CA VAL B 87 26.69 5.66 4.60
C VAL B 87 27.50 5.36 5.86
N LYS B 88 27.68 4.07 6.17
CA LYS B 88 28.49 3.69 7.34
C LYS B 88 29.94 4.13 7.17
N ARG B 89 30.50 3.94 5.97
CA ARG B 89 31.88 4.37 5.73
C ARG B 89 32.00 5.89 5.84
N ALA B 90 30.99 6.61 5.33
CA ALA B 90 31.04 8.07 5.40
C ALA B 90 30.91 8.55 6.83
N ILE B 91 30.06 7.92 7.63
CA ILE B 91 29.93 8.28 9.04
C ILE B 91 31.29 8.18 9.73
N ASP B 92 32.04 7.11 9.43
CA ASP B 92 33.36 6.95 10.03
C ASP B 92 34.31 8.07 9.62
N ASP B 93 34.25 8.48 8.35
CA ASP B 93 35.17 9.50 7.86
C ASP B 93 34.80 10.88 8.38
N LEU B 94 33.54 11.27 8.26
CA LEU B 94 33.16 12.64 8.51
C LEU B 94 32.72 12.89 9.94
N THR B 95 32.47 11.82 10.70
CA THR B 95 31.96 11.87 12.07
C THR B 95 30.85 12.94 12.21
N PRO B 96 29.76 12.81 11.46
CA PRO B 96 28.70 13.82 11.53
C PRO B 96 27.89 13.68 12.81
N SER B 97 27.19 14.77 13.12
CA SER B 97 26.20 14.80 14.19
C SER B 97 24.78 14.64 13.64
N ARG B 98 24.61 14.60 12.32
CA ARG B 98 23.29 14.50 11.73
C ARG B 98 23.40 14.10 10.26
N ILE B 99 22.43 13.33 9.80
CA ILE B 99 22.34 12.93 8.40
C ILE B 99 21.12 13.61 7.81
N CYS B 100 21.25 14.07 6.56
CA CYS B 100 20.18 14.72 5.85
CA CYS B 100 20.19 14.75 5.82
C CYS B 100 20.05 14.12 4.45
N VAL B 101 18.84 13.77 4.06
CA VAL B 101 18.61 13.16 2.75
C VAL B 101 17.18 13.45 2.31
N THR B 102 17.00 13.59 1.00
CA THR B 102 15.67 13.73 0.40
C THR B 102 15.05 12.36 0.16
N GLU B 103 13.76 12.23 0.48
CA GLU B 103 13.11 10.93 0.37
C GLU B 103 13.34 10.32 -1.02
N PRO B 104 13.71 9.05 -1.11
CA PRO B 104 13.94 8.42 -2.41
C PRO B 104 12.63 8.10 -3.14
N GLY B 105 12.79 7.79 -4.43
CA GLY B 105 11.65 7.43 -5.29
C GLY B 105 11.38 5.95 -5.46
N GLU B 106 11.81 5.13 -4.50
CA GLU B 106 11.57 3.69 -4.47
C GLU B 106 11.22 3.26 -3.06
N TRP B 107 10.18 2.43 -2.97
CA TRP B 107 9.76 1.85 -1.69
C TRP B 107 10.94 1.25 -0.94
N ARG B 108 11.68 0.38 -1.62
CA ARG B 108 12.78 -0.37 -1.01
C ARG B 108 13.83 0.59 -0.46
N VAL B 109 14.24 1.57 -1.26
CA VAL B 109 15.27 2.48 -0.78
C VAL B 109 14.76 3.33 0.36
N ARG B 110 13.47 3.68 0.34
CA ARG B 110 12.92 4.45 1.46
C ARG B 110 12.96 3.64 2.74
N SER B 111 12.65 2.36 2.67
CA SER B 111 12.69 1.53 3.89
C SER B 111 14.11 1.42 4.42
N GLU B 112 15.08 1.18 3.54
CA GLU B 112 16.48 1.19 3.94
C GLU B 112 16.86 2.47 4.69
N MET B 113 16.38 3.62 4.20
CA MET B 113 16.72 4.87 4.88
C MET B 113 15.99 5.00 6.20
N ASP B 114 14.76 4.47 6.29
CA ASP B 114 14.07 4.48 7.56
C ASP B 114 14.85 3.74 8.63
N GLY B 115 15.80 2.90 8.26
CA GLY B 115 16.61 2.17 9.24
C GLY B 115 17.90 2.84 9.68
N PHE B 116 18.34 3.93 9.03
CA PHE B 116 19.62 4.55 9.37
C PHE B 116 19.67 4.97 10.83
N ALA B 117 18.61 5.64 11.31
CA ALA B 117 18.67 6.24 12.64
C ALA B 117 18.92 5.18 13.70
N GLY B 118 18.22 4.04 13.60
CA GLY B 118 18.45 2.97 14.56
C GLY B 118 19.75 2.23 14.32
N ALA B 119 20.14 2.06 13.06
CA ALA B 119 21.36 1.31 12.77
C ALA B 119 22.62 2.08 13.18
N PHE B 120 22.59 3.42 13.11
CA PHE B 120 23.78 4.23 13.39
C PHE B 120 23.65 5.09 14.63
N GLY B 121 22.48 5.19 15.24
CA GLY B 121 22.37 5.99 16.45
C GLY B 121 22.61 7.47 16.26
N ILE B 122 22.17 8.03 15.15
CA ILE B 122 22.43 9.43 14.82
C ILE B 122 21.14 10.02 14.26
N GLN B 123 20.95 11.31 14.49
CA GLN B 123 19.76 11.98 13.98
C GLN B 123 19.72 11.91 12.45
N VAL B 124 18.54 11.57 11.90
CA VAL B 124 18.35 11.46 10.46
C VAL B 124 17.12 12.28 10.10
N ASP B 125 17.27 13.19 9.14
CA ASP B 125 16.19 14.07 8.72
C ASP B 125 15.88 13.75 7.26
N ILE B 126 14.78 13.06 7.04
CA ILE B 126 14.35 12.63 5.71
C ILE B 126 13.32 13.64 5.22
N ARG B 127 13.69 14.42 4.21
CA ARG B 127 12.90 15.56 3.79
C ARG B 127 12.04 15.24 2.57
N SER B 128 10.83 15.76 2.55
CA SER B 128 9.95 15.50 1.41
C SER B 128 10.52 16.17 0.17
N ASP B 129 10.39 15.48 -0.95
CA ASP B 129 10.94 15.95 -2.22
C ASP B 129 9.98 16.97 -2.83
N ARG B 130 10.40 18.24 -2.88
CA ARG B 130 9.58 19.34 -3.36
C ARG B 130 9.49 19.42 -4.87
N ARG B 131 10.21 18.56 -5.60
CA ARG B 131 10.03 18.57 -7.05
C ARG B 131 8.66 18.07 -7.50
N PHE B 132 7.83 17.56 -6.59
CA PHE B 132 6.52 17.07 -6.95
C PHE B 132 5.48 18.01 -6.38
N LEU B 133 4.40 18.20 -7.13
CA LEU B 133 3.41 19.20 -6.78
C LEU B 133 2.51 18.77 -5.63
N SER B 134 2.44 17.47 -5.33
CA SER B 134 1.54 16.94 -4.33
CA SER B 134 1.54 16.94 -4.33
C SER B 134 2.33 16.11 -3.31
N SER B 135 2.10 16.37 -2.03
CA SER B 135 2.69 15.52 -1.01
C SER B 135 1.98 14.15 -1.02
N HIS B 136 2.57 13.17 -0.33
CA HIS B 136 1.87 11.90 -0.17
C HIS B 136 0.50 12.11 0.47
N GLY B 137 0.43 12.93 1.51
CA GLY B 137 -0.84 13.15 2.19
C GLY B 137 -1.88 13.82 1.32
N GLU B 138 -1.47 14.81 0.52
CA GLU B 138 -2.42 15.47 -0.37
C GLU B 138 -2.98 14.49 -1.40
N PHE B 139 -2.12 13.68 -2.00
CA PHE B 139 -2.64 12.78 -3.03
C PHE B 139 -3.58 11.75 -2.41
N ARG B 140 -3.23 11.23 -1.23
CA ARG B 140 -4.09 10.28 -0.55
C ARG B 140 -5.45 10.90 -0.22
N ASN B 141 -5.44 12.15 0.26
CA ASN B 141 -6.71 12.79 0.56
C ASN B 141 -7.50 13.08 -0.72
N TRP B 142 -6.81 13.43 -1.81
CA TRP B 142 -7.50 13.58 -3.07
C TRP B 142 -8.17 12.27 -3.49
N ALA B 143 -7.45 11.14 -3.39
CA ALA B 143 -8.01 9.85 -3.76
C ALA B 143 -9.15 9.43 -2.84
N ALA B 144 -9.13 9.84 -1.57
CA ALA B 144 -10.20 9.42 -0.68
C ALA B 144 -11.52 10.07 -1.05
N GLY B 145 -11.48 11.31 -1.56
CA GLY B 145 -12.69 11.99 -1.99
C GLY B 145 -13.27 11.45 -3.29
N ARG B 146 -12.43 10.91 -4.17
CA ARG B 146 -12.90 10.14 -5.31
C ARG B 146 -13.04 8.67 -4.93
N LYS B 147 -13.70 7.89 -5.78
CA LYS B 147 -13.83 6.46 -5.53
C LYS B 147 -13.35 5.61 -6.70
N SER B 148 -13.55 6.11 -7.91
CA SER B 148 -12.82 5.64 -9.08
C SER B 148 -11.84 6.75 -9.43
N LEU B 149 -10.55 6.43 -9.43
CA LEU B 149 -9.52 7.42 -9.69
C LEU B 149 -9.40 7.58 -11.20
N THR B 150 -9.32 8.82 -11.68
CA THR B 150 -8.95 9.07 -13.06
C THR B 150 -7.93 10.20 -13.10
N MET B 151 -6.98 10.06 -14.02
CA MET B 151 -5.96 11.08 -14.21
C MET B 151 -6.60 12.43 -14.48
N GLU B 152 -7.64 12.45 -15.30
CA GLU B 152 -8.26 13.70 -15.73
C GLU B 152 -8.64 14.57 -14.53
N TYR B 153 -9.38 14.02 -13.57
CA TYR B 153 -9.77 14.78 -12.40
C TYR B 153 -8.56 15.36 -11.70
N PHE B 154 -7.53 14.55 -11.51
CA PHE B 154 -6.32 15.00 -10.84
C PHE B 154 -5.62 16.10 -11.64
N TYR B 155 -5.55 15.94 -12.96
CA TYR B 155 -4.92 16.96 -13.81
C TYR B 155 -5.58 18.32 -13.65
N ARG B 156 -6.92 18.36 -13.63
CA ARG B 156 -7.61 19.62 -13.41
C ARG B 156 -7.17 20.27 -12.09
N GLU B 157 -6.98 19.46 -11.04
CA GLU B 157 -6.49 20.02 -9.79
C GLU B 157 -5.06 20.55 -9.93
N MET B 158 -4.22 19.85 -10.70
CA MET B 158 -2.87 20.36 -10.91
C MET B 158 -2.86 21.64 -11.76
N ARG B 159 -3.78 21.75 -12.73
CA ARG B 159 -3.85 22.97 -13.51
C ARG B 159 -4.25 24.15 -12.64
N ARG B 160 -5.24 23.97 -11.78
CA ARG B 160 -5.62 25.05 -10.88
C ARG B 160 -4.50 25.37 -9.89
N LYS B 161 -3.80 24.35 -9.39
CA LYS B 161 -2.76 24.60 -8.39
C LYS B 161 -1.58 25.36 -8.98
N THR B 162 -1.18 25.02 -10.20
CA THR B 162 0.01 25.63 -10.79
C THR B 162 -0.34 26.94 -11.48
N GLY B 163 -1.57 27.10 -11.94
CA GLY B 163 -1.95 28.21 -12.78
C GLY B 163 -1.58 28.04 -14.23
N LEU B 164 -0.96 26.92 -14.61
CA LEU B 164 -0.53 26.74 -15.99
C LEU B 164 -1.74 26.79 -16.92
N LEU B 165 -1.64 27.61 -17.97
CA LEU B 165 -2.72 27.78 -18.94
C LEU B 165 -4.07 28.07 -18.27
N MET B 166 -4.05 28.89 -17.22
CA MET B 166 -5.28 29.29 -16.55
C MET B 166 -5.49 30.79 -16.69
N ASN B 167 -6.76 31.19 -16.87
CA ASN B 167 -7.19 32.58 -16.84
C ASN B 167 -8.11 32.68 -15.64
N GLY B 168 -7.56 33.05 -14.49
CA GLY B 168 -8.36 32.95 -13.28
C GLY B 168 -8.77 31.51 -13.03
N GLU B 169 -10.07 31.26 -12.94
CA GLU B 169 -10.57 29.92 -12.66
C GLU B 169 -10.95 29.17 -13.91
N GLN B 170 -10.78 29.77 -15.07
CA GLN B 170 -11.13 29.18 -16.35
C GLN B 170 -9.89 28.67 -17.08
N PRO B 171 -9.98 27.53 -17.75
CA PRO B 171 -8.86 27.08 -18.59
C PRO B 171 -8.72 28.01 -19.78
N VAL B 172 -7.47 28.30 -20.14
CA VAL B 172 -7.19 29.05 -21.37
C VAL B 172 -7.87 28.36 -22.56
N GLY B 173 -8.66 29.11 -23.31
CA GLY B 173 -9.29 28.63 -24.52
C GLY B 173 -10.64 27.94 -24.34
N GLY B 174 -11.21 27.92 -23.13
CA GLY B 174 -12.57 27.41 -22.93
C GLY B 174 -12.72 25.90 -22.77
N ARG B 175 -11.63 25.14 -22.82
CA ARG B 175 -11.64 23.68 -22.76
C ARG B 175 -10.50 23.26 -21.84
N TRP B 176 -10.69 22.18 -21.06
CA TRP B 176 -9.58 21.74 -20.21
C TRP B 176 -8.53 20.97 -21.01
N ASN B 177 -8.95 20.08 -21.92
CA ASN B 177 -7.98 19.28 -22.65
C ASN B 177 -8.44 19.12 -24.10
N PHE B 178 -7.45 19.07 -24.99
CA PHE B 178 -7.64 19.02 -26.43
C PHE B 178 -7.30 17.65 -27.00
N ASP B 179 -7.47 16.62 -26.18
CA ASP B 179 -7.13 15.26 -26.55
C ASP B 179 -7.63 14.85 -27.94
N ALA B 180 -8.85 15.26 -28.31
CA ALA B 180 -9.49 14.71 -29.51
C ALA B 180 -8.69 14.88 -30.80
N GLU B 181 -7.90 15.95 -30.93
CA GLU B 181 -7.27 16.31 -32.19
C GLU B 181 -5.83 15.82 -32.35
N ASN B 182 -5.37 14.91 -31.49
CA ASN B 182 -3.96 14.52 -31.45
C ASN B 182 -3.80 13.02 -31.74
N ARG B 183 -4.48 12.52 -32.79
CA ARG B 183 -4.79 11.10 -32.91
C ARG B 183 -4.52 10.51 -34.30
N GLN B 184 -3.90 11.25 -35.21
CA GLN B 184 -3.84 10.74 -36.58
C GLN B 184 -2.45 10.20 -36.91
N PRO B 185 -2.32 9.29 -37.87
CA PRO B 185 -0.99 8.87 -38.33
C PRO B 185 -0.23 10.02 -38.97
N ALA B 186 1.06 9.77 -39.19
CA ALA B 186 1.98 10.78 -39.71
C ALA B 186 2.65 10.27 -40.97
N ARG B 187 2.89 11.17 -41.89
CA ARG B 187 3.70 10.76 -43.01
C ARG B 187 5.14 11.20 -42.81
N PRO B 188 6.11 10.45 -43.35
CA PRO B 188 7.52 10.82 -43.13
C PRO B 188 7.80 12.21 -43.67
N ASP B 189 8.69 12.92 -42.99
CA ASP B 189 9.13 14.26 -43.37
C ASP B 189 10.65 14.29 -43.26
N LEU B 190 11.35 14.17 -44.39
CA LEU B 190 12.80 14.05 -44.30
C LEU B 190 13.48 15.40 -44.07
N LEU B 191 12.70 16.48 -43.96
CA LEU B 191 13.21 17.76 -43.52
C LEU B 191 12.87 18.07 -42.06
N ARG B 192 12.08 17.22 -41.39
CA ARG B 192 11.90 17.36 -39.95
C ARG B 192 13.29 17.37 -39.30
N PRO B 193 13.57 18.32 -38.41
CA PRO B 193 14.94 18.43 -37.88
C PRO B 193 15.34 17.22 -37.06
N LYS B 194 16.66 17.00 -36.97
CA LYS B 194 17.18 15.93 -36.13
C LYS B 194 17.17 16.36 -34.67
N HIS B 195 16.97 15.39 -33.79
CA HIS B 195 16.99 15.68 -32.37
C HIS B 195 18.42 15.97 -31.90
N PRO B 196 18.57 16.74 -30.81
CA PRO B 196 19.92 17.09 -30.35
C PRO B 196 20.65 15.89 -29.78
N VAL B 197 21.94 15.82 -30.09
CA VAL B 197 22.84 14.83 -29.49
C VAL B 197 24.04 15.57 -28.91
N PHE B 198 24.66 14.95 -27.89
CA PHE B 198 25.79 15.57 -27.22
C PHE B 198 26.98 14.62 -27.19
N ALA B 199 28.07 15.01 -27.84
CA ALA B 199 29.25 14.17 -27.92
C ALA B 199 29.83 13.93 -26.52
N PRO B 200 30.22 12.69 -26.20
CA PRO B 200 30.81 12.41 -24.88
C PRO B 200 32.08 13.22 -24.62
N ASP B 201 32.15 13.84 -23.43
CA ASP B 201 33.37 14.50 -22.99
C ASP B 201 34.27 13.52 -22.23
N LYS B 202 35.33 14.04 -21.62
CA LYS B 202 36.33 13.20 -20.96
C LYS B 202 35.69 12.33 -19.89
N ILE B 203 34.88 12.93 -19.02
CA ILE B 203 34.27 12.17 -17.94
C ILE B 203 33.38 11.09 -18.50
N THR B 204 32.60 11.40 -19.54
CA THR B 204 31.65 10.42 -20.05
C THR B 204 32.38 9.27 -20.74
N LYS B 205 33.45 9.56 -21.50
CA LYS B 205 34.21 8.48 -22.11
C LYS B 205 34.80 7.54 -21.07
N GLU B 206 35.28 8.10 -19.95
CA GLU B 206 35.81 7.23 -18.90
C GLU B 206 34.71 6.31 -18.36
N VAL B 207 33.51 6.86 -18.11
CA VAL B 207 32.39 6.06 -17.62
C VAL B 207 32.04 4.98 -18.63
N ILE B 208 31.94 5.34 -19.91
CA ILE B 208 31.58 4.36 -20.93
C ILE B 208 32.55 3.18 -20.89
N ASP B 209 33.85 3.47 -20.84
CA ASP B 209 34.84 2.39 -20.78
C ASP B 209 34.66 1.53 -19.53
N THR B 210 34.37 2.16 -18.40
CA THR B 210 34.16 1.42 -17.16
C THR B 210 32.94 0.51 -17.25
N VAL B 211 31.83 1.01 -17.83
CA VAL B 211 30.62 0.22 -17.98
C VAL B 211 30.86 -0.98 -18.89
N GLU B 212 31.52 -0.75 -20.02
CA GLU B 212 31.87 -1.86 -20.89
C GLU B 212 32.73 -2.89 -20.16
N ARG B 213 33.65 -2.42 -19.30
CA ARG B 213 34.55 -3.35 -18.63
C ARG B 213 33.81 -4.18 -17.58
N LEU B 214 32.89 -3.57 -16.81
CA LEU B 214 32.27 -4.26 -15.69
C LEU B 214 30.90 -4.87 -16.01
N PHE B 215 30.25 -4.46 -17.10
CA PHE B 215 28.96 -5.06 -17.49
C PHE B 215 29.02 -5.47 -18.96
N PRO B 216 30.04 -6.26 -19.33
CA PRO B 216 30.24 -6.55 -20.77
C PRO B 216 29.07 -7.27 -21.39
N ASP B 217 28.34 -8.07 -20.62
CA ASP B 217 27.25 -8.89 -21.14
C ASP B 217 25.87 -8.28 -20.87
N ASN B 218 25.80 -7.00 -20.49
CA ASN B 218 24.47 -6.45 -20.24
C ASN B 218 23.75 -6.16 -21.54
N PHE B 219 22.43 -6.05 -21.43
CA PHE B 219 21.60 -5.64 -22.55
C PHE B 219 22.03 -4.28 -23.10
N GLY B 220 21.93 -4.12 -24.41
CA GLY B 220 22.00 -2.82 -25.04
C GLY B 220 23.41 -2.52 -25.57
N LYS B 221 23.45 -1.56 -26.48
CA LYS B 221 24.71 -1.13 -27.10
C LYS B 221 25.12 0.24 -26.56
N LEU B 222 26.43 0.43 -26.39
CA LEU B 222 26.95 1.71 -25.94
C LEU B 222 27.31 2.66 -27.08
N GLU B 223 27.23 2.21 -28.33
CA GLU B 223 27.66 3.03 -29.46
C GLU B 223 26.79 4.27 -29.61
N ASN B 224 27.42 5.36 -30.02
CA ASN B 224 26.69 6.59 -30.31
C ASN B 224 25.94 7.09 -29.08
N PHE B 225 26.60 7.01 -27.93
CA PHE B 225 26.06 7.61 -26.71
C PHE B 225 25.90 9.11 -26.91
N GLY B 226 24.65 9.61 -26.84
CA GLY B 226 24.38 11.01 -27.12
C GLY B 226 23.60 11.78 -26.05
N PHE B 227 23.42 11.20 -24.87
CA PHE B 227 22.67 11.86 -23.81
C PHE B 227 23.39 13.11 -23.30
N ALA B 228 22.63 14.14 -22.97
CA ALA B 228 23.17 15.24 -22.18
C ALA B 228 23.43 14.76 -20.77
N VAL B 229 24.56 15.16 -20.19
CA VAL B 229 24.90 14.71 -18.84
C VAL B 229 25.18 15.88 -17.90
N THR B 230 24.99 17.11 -18.39
CA THR B 230 25.12 18.30 -17.58
C THR B 230 23.79 19.07 -17.60
N ARG B 231 23.58 19.88 -16.56
CA ARG B 231 22.38 20.71 -16.48
C ARG B 231 22.25 21.62 -17.71
N THR B 232 23.36 22.21 -18.15
CA THR B 232 23.26 23.14 -19.29
C THR B 232 22.90 22.40 -20.56
N ASP B 233 23.47 21.22 -20.78
CA ASP B 233 23.09 20.52 -22.01
C ASP B 233 21.65 19.99 -21.94
N ALA B 234 21.17 19.64 -20.75
CA ALA B 234 19.76 19.26 -20.64
C ALA B 234 18.85 20.43 -21.01
N GLU B 235 19.24 21.65 -20.62
CA GLU B 235 18.44 22.81 -21.00
C GLU B 235 18.56 23.11 -22.49
N ARG B 236 19.69 22.80 -23.12
CA ARG B 236 19.75 22.92 -24.57
C ARG B 236 18.81 21.93 -25.25
N ALA B 237 18.71 20.71 -24.70
CA ALA B 237 17.74 19.75 -25.24
C ALA B 237 16.31 20.28 -25.14
N LEU B 238 15.97 20.92 -24.01
CA LEU B 238 14.67 21.57 -23.86
C LEU B 238 14.46 22.66 -24.93
N SER B 239 15.43 23.56 -25.10
CA SER B 239 15.31 24.63 -26.10
C SER B 239 15.09 24.08 -27.49
N ALA B 240 15.87 23.06 -27.87
CA ALA B 240 15.70 22.45 -29.18
C ALA B 240 14.29 21.88 -29.34
N PHE B 241 13.74 21.28 -28.28
CA PHE B 241 12.38 20.76 -28.38
C PHE B 241 11.40 21.91 -28.57
N ILE B 242 11.58 22.99 -27.82
CA ILE B 242 10.67 24.13 -27.92
C ILE B 242 10.75 24.72 -29.33
N ASP B 243 11.96 24.85 -29.89
CA ASP B 243 12.11 25.49 -31.21
C ASP B 243 11.61 24.63 -32.37
N ASP B 244 11.77 23.30 -32.31
CA ASP B 244 11.62 22.46 -33.50
C ASP B 244 10.44 21.51 -33.48
N PHE B 245 10.01 21.05 -32.31
CA PHE B 245 9.06 19.96 -32.27
C PHE B 245 7.76 20.28 -31.55
N LEU B 246 7.76 21.27 -30.64
CA LEU B 246 6.57 21.49 -29.82
C LEU B 246 5.37 21.87 -30.67
N CYS B 247 5.57 22.66 -31.73
CA CYS B 247 4.41 23.10 -32.51
C CYS B 247 3.71 21.93 -33.16
N ASN B 248 4.39 20.81 -33.36
CA ASN B 248 3.78 19.63 -33.94
C ASN B 248 3.59 18.49 -32.96
N PHE B 249 3.72 18.75 -31.65
CA PHE B 249 3.72 17.67 -30.66
C PHE B 249 2.40 16.91 -30.69
N GLY B 250 1.27 17.65 -30.71
CA GLY B 250 -0.03 17.00 -30.71
C GLY B 250 -0.37 16.34 -32.04
N ALA B 251 0.05 16.96 -33.15
CA ALA B 251 -0.24 16.42 -34.48
C ALA B 251 0.13 14.95 -34.63
N THR B 252 1.29 14.55 -34.10
CA THR B 252 1.82 13.22 -34.37
C THR B 252 1.97 12.38 -33.11
N GLN B 253 1.20 12.69 -32.05
CA GLN B 253 1.53 12.13 -30.74
C GLN B 253 1.45 10.60 -30.72
N ASP B 254 0.55 10.00 -31.51
CA ASP B 254 0.36 8.55 -31.49
C ASP B 254 0.91 7.86 -32.73
N ALA B 255 1.66 8.55 -33.58
CA ALA B 255 2.12 7.96 -34.82
C ALA B 255 3.45 7.23 -34.62
N MET B 256 3.70 6.26 -35.48
CA MET B 256 4.93 5.48 -35.47
C MET B 256 5.42 5.35 -36.89
N LEU B 257 6.73 5.49 -37.07
CA LEU B 257 7.34 5.43 -38.40
C LEU B 257 8.62 4.63 -38.35
N GLN B 258 8.78 3.75 -39.33
CA GLN B 258 9.92 2.85 -39.33
C GLN B 258 11.25 3.62 -39.36
N ASP B 259 11.31 4.68 -40.17
CA ASP B 259 12.54 5.44 -40.37
C ASP B 259 12.65 6.70 -39.49
N ASP B 260 11.74 6.90 -38.54
CA ASP B 260 11.77 8.10 -37.69
C ASP B 260 11.49 7.72 -36.25
N PRO B 261 12.53 7.38 -35.48
CA PRO B 261 12.32 6.91 -34.11
C PRO B 261 11.83 7.96 -33.11
N ASN B 262 11.92 9.25 -33.44
CA ASN B 262 11.63 10.29 -32.46
C ASN B 262 10.43 11.17 -32.78
N LEU B 263 10.05 11.28 -34.05
CA LEU B 263 8.94 12.15 -34.48
C LEU B 263 9.08 13.49 -33.76
N ASN B 264 7.99 13.96 -33.14
CA ASN B 264 8.00 15.24 -32.46
C ASN B 264 8.00 15.10 -30.93
N HIS B 265 8.52 14.00 -30.41
CA HIS B 265 8.61 13.90 -28.96
C HIS B 265 9.78 14.70 -28.42
N SER B 266 9.76 14.96 -27.12
CA SER B 266 10.73 15.85 -26.51
C SER B 266 12.01 15.14 -26.09
N LEU B 267 11.96 13.85 -25.76
CA LEU B 267 13.15 13.14 -25.28
C LEU B 267 13.80 13.88 -24.11
N LEU B 268 12.98 14.35 -23.17
CA LEU B 268 13.50 14.99 -21.96
C LEU B 268 13.28 14.17 -20.70
N SER B 269 12.57 13.05 -20.79
CA SER B 269 12.26 12.25 -19.60
C SER B 269 13.51 11.82 -18.84
N PHE B 270 14.59 11.45 -19.56
CA PHE B 270 15.81 11.06 -18.85
C PHE B 270 16.29 12.17 -17.93
N TYR B 271 16.14 13.43 -18.37
CA TYR B 271 16.70 14.57 -17.64
C TYR B 271 15.78 15.01 -16.51
N ILE B 272 14.49 15.10 -16.78
CA ILE B 272 13.53 15.43 -15.73
C ILE B 272 13.65 14.42 -14.59
N ASN B 273 13.75 13.11 -14.91
CA ASN B 273 13.64 12.08 -13.88
C ASN B 273 14.88 11.97 -13.00
N CYS B 274 16.03 12.52 -13.41
CA CYS B 274 17.19 12.56 -12.54
C CYS B 274 17.50 13.96 -12.03
N GLY B 275 16.73 14.98 -12.41
CA GLY B 275 16.87 16.29 -11.82
C GLY B 275 17.65 17.30 -12.64
N LEU B 276 18.17 16.91 -13.80
CA LEU B 276 18.83 17.85 -14.69
C LEU B 276 17.86 18.83 -15.33
N LEU B 277 16.57 18.50 -15.36
CA LEU B 277 15.52 19.45 -15.69
C LEU B 277 14.46 19.43 -14.61
N ASP B 278 13.79 20.55 -14.42
CA ASP B 278 12.69 20.59 -13.48
C ASP B 278 11.37 20.52 -14.23
N ALA B 279 10.48 19.63 -13.77
CA ALA B 279 9.25 19.36 -14.51
C ALA B 279 8.42 20.62 -14.69
N LEU B 280 8.28 21.43 -13.63
CA LEU B 280 7.46 22.63 -13.73
C LEU B 280 8.12 23.68 -14.63
N ASP B 281 9.45 23.81 -14.57
CA ASP B 281 10.17 24.69 -15.48
C ASP B 281 9.97 24.27 -16.93
N VAL B 282 9.93 22.96 -17.20
CA VAL B 282 9.72 22.51 -18.57
C VAL B 282 8.34 22.93 -19.05
N CYS B 283 7.33 22.84 -18.16
CA CYS B 283 5.97 23.25 -18.54
C CYS B 283 5.88 24.76 -18.78
N LYS B 284 6.54 25.57 -17.94
CA LYS B 284 6.52 27.02 -18.11
C LYS B 284 7.20 27.45 -19.40
N ALA B 285 8.25 26.74 -19.82
CA ALA B 285 8.85 26.99 -21.13
C ALA B 285 7.86 26.75 -22.26
N ALA B 286 7.11 25.64 -22.18
CA ALA B 286 6.09 25.39 -23.20
C ALA B 286 5.02 26.46 -23.18
N GLU B 287 4.58 26.87 -22.00
CA GLU B 287 3.54 27.89 -21.91
C GLU B 287 4.03 29.22 -22.47
N ARG B 288 5.30 29.57 -22.21
CA ARG B 288 5.86 30.80 -22.79
C ARG B 288 5.85 30.73 -24.32
N ALA B 289 6.27 29.60 -24.88
CA ALA B 289 6.21 29.47 -26.33
C ALA B 289 4.81 29.72 -26.84
N TYR B 290 3.81 29.19 -26.12
CA TYR B 290 2.42 29.35 -26.55
C TYR B 290 2.02 30.83 -26.58
N HIS B 291 2.42 31.59 -25.57
CA HIS B 291 2.05 33.00 -25.49
C HIS B 291 2.81 33.87 -26.48
N GLU B 292 3.91 33.41 -27.03
CA GLU B 292 4.58 34.11 -28.12
C GLU B 292 4.09 33.65 -29.48
N GLY B 293 3.07 32.79 -29.54
CA GLY B 293 2.60 32.31 -30.82
C GLY B 293 3.43 31.19 -31.41
N GLY B 294 4.29 30.56 -30.60
CA GLY B 294 5.20 29.53 -31.09
C GLY B 294 4.60 28.15 -31.28
N ALA B 295 3.42 27.90 -30.72
CA ALA B 295 2.80 26.58 -30.80
C ALA B 295 1.31 26.75 -30.64
N PRO B 296 0.52 25.85 -31.21
CA PRO B 296 -0.93 25.91 -31.00
C PRO B 296 -1.30 25.34 -29.63
N LEU B 297 -2.51 25.69 -29.19
CA LEU B 297 -2.95 25.32 -27.84
C LEU B 297 -3.03 23.81 -27.64
N ASN B 298 -3.53 23.08 -28.64
CA ASN B 298 -3.65 21.63 -28.43
C ASN B 298 -2.28 20.99 -28.20
N ALA B 299 -1.25 21.51 -28.85
CA ALA B 299 0.10 20.95 -28.69
C ALA B 299 0.65 21.27 -27.30
N VAL B 300 0.48 22.51 -26.84
CA VAL B 300 1.04 22.90 -25.55
C VAL B 300 0.25 22.27 -24.40
N GLU B 301 -1.09 22.35 -24.47
CA GLU B 301 -1.87 21.72 -23.41
C GLU B 301 -1.63 20.22 -23.39
N GLY B 302 -1.52 19.61 -24.57
CA GLY B 302 -1.21 18.18 -24.64
C GLY B 302 0.15 17.85 -24.03
N PHE B 303 1.16 18.67 -24.31
CA PHE B 303 2.48 18.47 -23.71
C PHE B 303 2.44 18.64 -22.19
N ILE B 304 1.81 19.71 -21.73
CA ILE B 304 1.80 19.94 -20.29
C ILE B 304 0.96 18.88 -19.58
N ARG B 305 -0.12 18.41 -20.21
CA ARG B 305 -0.93 17.37 -19.57
C ARG B 305 -0.13 16.11 -19.31
N GLN B 306 0.85 15.80 -20.17
CA GLN B 306 1.64 14.60 -19.94
C GLN B 306 2.49 14.72 -18.68
N ILE B 307 2.81 15.94 -18.25
CA ILE B 307 3.76 16.16 -17.19
C ILE B 307 3.07 16.45 -15.86
N ILE B 308 2.21 17.49 -15.80
CA ILE B 308 1.49 17.72 -14.56
C ILE B 308 0.24 16.85 -14.46
N GLY B 309 -0.12 16.14 -15.53
CA GLY B 309 -1.16 15.15 -15.53
C GLY B 309 -0.60 13.76 -15.29
N TRP B 310 -0.15 13.07 -16.35
CA TRP B 310 0.26 11.67 -16.20
C TRP B 310 1.41 11.52 -15.22
N ARG B 311 2.50 12.27 -15.41
CA ARG B 311 3.70 11.96 -14.65
C ARG B 311 3.48 12.21 -13.15
N GLU B 312 2.85 13.30 -12.80
CA GLU B 312 2.57 13.57 -11.39
C GLU B 312 1.55 12.58 -10.86
N TYR B 313 0.59 12.18 -11.69
CA TYR B 313 -0.40 11.19 -11.27
C TYR B 313 0.25 9.83 -10.98
N MET B 314 1.12 9.35 -11.88
CA MET B 314 1.78 8.06 -11.64
C MET B 314 2.54 8.07 -10.33
N ARG B 315 3.22 9.17 -10.01
CA ARG B 315 3.93 9.23 -8.74
C ARG B 315 2.98 9.05 -7.56
N GLY B 316 1.82 9.71 -7.60
CA GLY B 316 0.84 9.53 -6.54
C GLY B 316 0.29 8.12 -6.48
N ILE B 317 -0.03 7.53 -7.63
CA ILE B 317 -0.50 6.14 -7.65
C ILE B 317 0.55 5.22 -7.01
N TYR B 318 1.82 5.43 -7.36
CA TYR B 318 2.87 4.54 -6.89
C TYR B 318 2.93 4.51 -5.37
N TRP B 319 2.92 5.68 -4.73
CA TRP B 319 3.03 5.66 -3.28
C TRP B 319 1.72 5.25 -2.63
N LEU B 320 0.60 5.57 -3.27
CA LEU B 320 -0.69 5.25 -2.68
C LEU B 320 -0.96 3.74 -2.72
N ALA B 321 -0.56 3.09 -3.80
CA ALA B 321 -0.86 1.68 -4.01
C ALA B 321 -0.05 0.76 -3.11
N GLY B 322 1.09 1.22 -2.58
CA GLY B 322 1.87 0.40 -1.67
C GLY B 322 2.91 -0.48 -2.36
N PRO B 323 3.87 -1.01 -1.58
CA PRO B 323 4.93 -1.87 -2.18
C PRO B 323 4.39 -3.07 -2.93
N ASP B 324 3.34 -3.71 -2.44
CA ASP B 324 2.92 -4.96 -3.07
C ASP B 324 2.10 -4.70 -4.33
N TYR B 325 1.95 -3.44 -4.74
CA TYR B 325 1.34 -3.15 -6.04
C TYR B 325 2.00 -3.93 -7.15
N VAL B 326 3.30 -4.23 -7.00
CA VAL B 326 4.06 -4.94 -8.02
C VAL B 326 3.56 -6.36 -8.20
N ASP B 327 2.81 -6.91 -7.23
CA ASP B 327 2.25 -8.24 -7.32
C ASP B 327 0.89 -8.29 -8.02
N SER B 328 0.39 -7.16 -8.54
CA SER B 328 -0.91 -7.18 -9.19
C SER B 328 -0.88 -8.10 -10.41
N ASN B 329 -1.87 -8.97 -10.52
CA ASN B 329 -1.96 -9.95 -11.59
C ASN B 329 -3.43 -10.29 -11.83
N PHE B 330 -4.18 -9.27 -12.25
CA PHE B 330 -5.62 -9.39 -12.43
C PHE B 330 -6.00 -10.60 -13.28
N PHE B 331 -5.27 -10.84 -14.38
CA PHE B 331 -5.61 -11.91 -15.31
C PHE B 331 -4.95 -13.24 -14.98
N GLU B 332 -4.18 -13.30 -13.89
CA GLU B 332 -3.53 -14.53 -13.43
C GLU B 332 -2.59 -15.10 -14.48
N ASN B 333 -1.79 -14.24 -15.10
CA ASN B 333 -0.81 -14.71 -16.06
C ASN B 333 0.36 -15.36 -15.36
N ASP B 334 0.93 -16.40 -16.00
CA ASP B 334 2.18 -16.98 -15.56
C ASP B 334 3.22 -17.16 -16.66
N ARG B 335 2.96 -16.71 -17.88
CA ARG B 335 3.86 -16.99 -19.00
C ARG B 335 5.09 -16.10 -18.93
N SER B 336 6.25 -16.69 -19.22
CA SER B 336 7.49 -15.92 -19.12
CA SER B 336 7.50 -15.94 -19.13
C SER B 336 7.67 -15.01 -20.34
N LEU B 337 8.47 -13.96 -20.15
CA LEU B 337 8.69 -13.00 -21.23
C LEU B 337 9.47 -13.63 -22.36
N PRO B 338 8.99 -13.56 -23.61
CA PRO B 338 9.72 -14.19 -24.72
C PRO B 338 11.13 -13.63 -24.85
N VAL B 339 12.09 -14.50 -25.17
CA VAL B 339 13.48 -14.11 -25.22
C VAL B 339 13.73 -13.07 -26.29
N PHE B 340 12.84 -12.97 -27.28
CA PHE B 340 13.07 -11.96 -28.31
C PHE B 340 12.83 -10.54 -27.83
N TYR B 341 12.30 -10.33 -26.63
CA TYR B 341 12.35 -8.99 -26.03
C TYR B 341 13.78 -8.55 -25.75
N TRP B 342 14.71 -9.49 -25.59
CA TRP B 342 16.09 -9.13 -25.30
C TRP B 342 16.97 -9.11 -26.54
N THR B 343 16.54 -9.76 -27.64
CA THR B 343 17.36 -9.88 -28.84
C THR B 343 16.81 -9.15 -30.05
N GLY B 344 15.51 -8.88 -30.08
CA GLY B 344 14.88 -8.33 -31.28
C GLY B 344 14.61 -9.32 -32.39
N LYS B 345 14.90 -10.61 -32.19
CA LYS B 345 14.82 -11.60 -33.28
C LYS B 345 13.41 -12.17 -33.34
N THR B 346 12.53 -11.47 -34.07
CA THR B 346 11.17 -11.89 -34.33
C THR B 346 10.78 -11.44 -35.73
N HIS B 347 9.89 -12.20 -36.37
CA HIS B 347 9.44 -11.79 -37.69
C HIS B 347 8.34 -10.74 -37.65
N MET B 348 7.76 -10.45 -36.48
CA MET B 348 6.83 -9.34 -36.41
C MET B 348 7.62 -8.05 -36.58
N ASN B 349 7.45 -7.38 -37.71
CA ASN B 349 8.31 -6.24 -38.01
C ASN B 349 8.18 -5.15 -36.94
N CYS B 350 6.95 -4.84 -36.52
CA CYS B 350 6.75 -3.78 -35.54
C CYS B 350 7.51 -4.09 -34.24
N MET B 351 7.38 -5.32 -33.76
CA MET B 351 8.08 -5.73 -32.55
C MET B 351 9.59 -5.70 -32.75
N ALA B 352 10.08 -6.19 -33.89
CA ALA B 352 11.51 -6.19 -34.17
C ALA B 352 12.07 -4.77 -34.21
N LYS B 353 11.33 -3.83 -34.81
CA LYS B 353 11.79 -2.45 -34.90
C LYS B 353 11.87 -1.80 -33.53
N VAL B 354 10.81 -1.91 -32.73
CA VAL B 354 10.81 -1.21 -31.44
C VAL B 354 11.88 -1.80 -30.52
N ILE B 355 12.02 -3.12 -30.51
CA ILE B 355 13.05 -3.73 -29.67
C ILE B 355 14.45 -3.35 -30.15
N THR B 356 14.66 -3.29 -31.48
CA THR B 356 15.95 -2.85 -31.99
C THR B 356 16.25 -1.40 -31.59
N GLU B 357 15.27 -0.50 -31.77
CA GLU B 357 15.44 0.88 -31.29
C GLU B 357 15.76 0.91 -29.80
N THR B 358 15.13 0.03 -29.00
CA THR B 358 15.43 -0.07 -27.58
C THR B 358 16.87 -0.52 -27.34
N ILE B 359 17.30 -1.57 -28.05
CA ILE B 359 18.68 -2.06 -27.93
C ILE B 359 19.68 -0.95 -28.23
N GLU B 360 19.44 -0.20 -29.29
CA GLU B 360 20.42 0.76 -29.76
C GLU B 360 20.35 2.10 -29.01
N ASN B 361 19.15 2.54 -28.60
CA ASN B 361 18.95 3.91 -28.13
C ASN B 361 18.53 4.01 -26.67
N ALA B 362 18.14 2.92 -26.02
CA ALA B 362 17.64 2.95 -24.66
C ALA B 362 16.44 3.89 -24.52
N TYR B 363 15.67 4.02 -25.61
CA TYR B 363 14.48 4.85 -25.63
C TYR B 363 13.48 4.32 -26.67
N ALA B 364 12.19 4.47 -26.35
CA ALA B 364 11.09 4.33 -27.29
C ALA B 364 10.01 5.31 -26.86
N HIS B 365 9.21 5.81 -27.81
CA HIS B 365 8.24 6.79 -27.35
C HIS B 365 6.96 6.11 -26.85
N HIS B 366 6.10 6.92 -26.24
CA HIS B 366 5.04 6.37 -25.40
C HIS B 366 4.16 5.38 -26.16
N ILE B 367 3.73 5.73 -27.37
CA ILE B 367 2.79 4.85 -28.06
C ILE B 367 3.48 3.53 -28.45
N GLN B 368 4.81 3.51 -28.56
CA GLN B 368 5.49 2.24 -28.80
C GLN B 368 5.56 1.37 -27.54
N ARG B 369 5.88 1.97 -26.39
CA ARG B 369 5.85 1.20 -25.15
C ARG B 369 4.46 0.66 -24.88
N LEU B 370 3.42 1.39 -25.29
CA LEU B 370 2.05 1.03 -24.95
C LEU B 370 1.44 0.09 -25.99
N MET B 371 1.49 0.45 -27.28
CA MET B 371 0.72 -0.29 -28.28
C MET B 371 1.52 -1.36 -29.03
N ILE B 372 2.84 -1.40 -28.90
CA ILE B 372 3.61 -2.45 -29.57
C ILE B 372 4.10 -3.47 -28.55
N THR B 373 5.19 -3.16 -27.83
CA THR B 373 5.73 -4.16 -26.92
C THR B 373 4.80 -4.39 -25.73
N GLY B 374 4.07 -3.37 -25.29
CA GLY B 374 3.17 -3.51 -24.16
C GLY B 374 1.89 -4.25 -24.53
N ASN B 375 1.31 -3.87 -25.67
CA ASN B 375 0.11 -4.54 -26.17
C ASN B 375 0.37 -6.04 -26.36
N PHE B 376 1.52 -6.39 -26.94
CA PHE B 376 1.81 -7.79 -27.21
C PHE B 376 1.90 -8.59 -25.91
N ALA B 377 2.64 -8.07 -24.91
CA ALA B 377 2.73 -8.76 -23.62
C ALA B 377 1.36 -8.92 -22.99
N LEU B 378 0.50 -7.91 -23.13
CA LEU B 378 -0.86 -8.02 -22.62
C LEU B 378 -1.61 -9.12 -23.34
N LEU B 379 -1.62 -9.08 -24.66
CA LEU B 379 -2.38 -10.07 -25.42
C LEU B 379 -1.84 -11.48 -25.17
N ALA B 380 -0.52 -11.63 -25.06
CA ALA B 380 0.08 -12.94 -24.88
C ALA B 380 -0.02 -13.48 -23.46
N GLY B 381 -0.63 -12.74 -22.54
CA GLY B 381 -0.78 -13.24 -21.17
C GLY B 381 0.53 -13.42 -20.41
N ILE B 382 1.47 -12.49 -20.59
CA ILE B 382 2.75 -12.55 -19.90
C ILE B 382 2.59 -12.21 -18.43
N ASP B 383 3.35 -12.88 -17.60
CA ASP B 383 3.42 -12.54 -16.19
C ASP B 383 3.79 -11.05 -16.05
N PRO B 384 2.92 -10.23 -15.47
CA PRO B 384 3.17 -8.78 -15.46
C PRO B 384 4.43 -8.39 -14.74
N LYS B 385 4.88 -9.18 -13.76
CA LYS B 385 6.11 -8.85 -13.08
C LYS B 385 7.30 -8.98 -14.02
N ALA B 386 7.24 -9.91 -14.97
CA ALA B 386 8.29 -10.05 -15.98
C ALA B 386 8.26 -8.90 -16.97
N VAL B 387 7.06 -8.39 -17.30
CA VAL B 387 7.00 -7.19 -18.14
C VAL B 387 7.58 -6.01 -17.39
N HIS B 388 7.20 -5.87 -16.12
CA HIS B 388 7.75 -4.85 -15.24
C HIS B 388 9.27 -4.85 -15.30
N ARG B 389 9.92 -6.00 -15.05
CA ARG B 389 11.37 -6.04 -15.05
C ARG B 389 11.95 -5.55 -16.38
N TRP B 390 11.32 -5.90 -17.51
CA TRP B 390 11.90 -5.49 -18.79
C TRP B 390 11.89 -3.97 -18.92
N TYR B 391 10.73 -3.33 -18.70
CA TYR B 391 10.65 -1.87 -18.85
C TYR B 391 11.54 -1.17 -17.83
N LEU B 392 11.64 -1.69 -16.61
CA LEU B 392 12.52 -1.05 -15.66
C LEU B 392 13.97 -1.14 -16.08
N GLU B 393 14.37 -2.26 -16.73
CA GLU B 393 15.78 -2.44 -17.04
C GLU B 393 16.24 -1.78 -18.35
N VAL B 394 15.40 -1.72 -19.40
CA VAL B 394 15.96 -1.41 -20.72
C VAL B 394 15.89 0.08 -21.12
N TYR B 395 15.15 0.92 -20.40
CA TYR B 395 14.97 2.32 -20.80
C TYR B 395 15.71 3.28 -19.87
N ALA B 396 16.43 4.24 -20.44
CA ALA B 396 17.28 5.14 -19.67
C ALA B 396 16.51 6.11 -18.78
N ASP B 397 15.20 6.28 -18.99
CA ASP B 397 14.38 7.11 -18.13
C ASP B 397 13.58 6.31 -17.10
N ALA B 398 13.90 5.03 -16.88
CA ALA B 398 13.09 4.16 -16.02
C ALA B 398 13.49 4.32 -14.56
N TYR B 399 12.51 4.60 -13.72
CA TYR B 399 12.58 4.47 -12.27
C TYR B 399 11.25 3.89 -11.83
N GLU B 400 11.27 3.11 -10.74
CA GLU B 400 10.11 2.32 -10.39
C GLU B 400 8.85 3.18 -10.22
N TRP B 401 8.99 4.36 -9.61
CA TRP B 401 7.81 5.14 -9.29
C TRP B 401 7.02 5.54 -10.53
N VAL B 402 7.68 5.72 -11.67
CA VAL B 402 6.99 6.15 -12.89
C VAL B 402 6.74 4.98 -13.83
N GLU B 403 7.68 4.03 -13.89
CA GLU B 403 7.55 2.85 -14.76
C GLU B 403 6.48 1.89 -14.25
N LEU B 404 6.45 1.63 -12.95
CA LEU B 404 5.55 0.60 -12.44
C LEU B 404 4.08 0.91 -12.67
N PRO B 405 3.56 2.12 -12.39
CA PRO B 405 2.15 2.36 -12.69
C PRO B 405 1.85 2.35 -14.20
N ASN B 406 2.81 2.74 -15.04
CA ASN B 406 2.60 2.67 -16.49
C ASN B 406 2.51 1.21 -16.97
N VAL B 407 3.31 0.33 -16.38
CA VAL B 407 3.29 -1.09 -16.76
C VAL B 407 2.10 -1.80 -16.12
N ILE B 408 2.03 -1.79 -14.80
CA ILE B 408 0.98 -2.53 -14.08
C ILE B 408 -0.39 -1.96 -14.39
N GLY B 409 -0.50 -0.64 -14.38
CA GLY B 409 -1.78 0.01 -14.52
C GLY B 409 -2.16 0.23 -15.98
N MET B 410 -1.40 1.08 -16.68
CA MET B 410 -1.86 1.51 -17.99
C MET B 410 -1.76 0.40 -19.02
N SER B 411 -0.60 -0.23 -19.14
CA SER B 411 -0.33 -1.18 -20.22
C SER B 411 -0.94 -2.55 -19.96
N GLN B 412 -0.60 -3.17 -18.85
CA GLN B 412 -0.98 -4.56 -18.59
C GLN B 412 -2.34 -4.71 -17.93
N PHE B 413 -2.96 -3.61 -17.49
CA PHE B 413 -4.25 -3.67 -16.82
C PHE B 413 -4.22 -4.67 -15.68
N ALA B 414 -3.03 -4.88 -15.11
CA ALA B 414 -2.85 -5.94 -14.13
C ALA B 414 -3.42 -5.58 -12.75
N ASP B 415 -3.79 -4.33 -12.53
CA ASP B 415 -4.50 -3.94 -11.32
C ASP B 415 -6.00 -3.91 -11.50
N GLY B 416 -6.51 -4.45 -12.61
CA GLY B 416 -7.94 -4.42 -12.87
C GLY B 416 -8.50 -3.05 -13.14
N GLY B 417 -7.68 -2.06 -13.49
CA GLY B 417 -8.19 -0.75 -13.77
C GLY B 417 -8.17 0.22 -12.62
N PHE B 418 -7.30 0.00 -11.62
CA PHE B 418 -7.23 0.86 -10.43
C PHE B 418 -6.94 2.34 -10.78
N LEU B 419 -6.12 2.61 -11.79
CA LEU B 419 -5.83 4.01 -12.06
C LEU B 419 -6.69 4.62 -13.15
N GLY B 420 -7.76 3.93 -13.55
CA GLY B 420 -8.83 4.59 -14.28
C GLY B 420 -8.74 4.48 -15.78
N THR B 421 -7.71 3.86 -16.31
CA THR B 421 -7.55 3.66 -17.74
C THR B 421 -8.40 2.49 -18.23
N LYS B 422 -8.53 2.39 -19.52
CA LYS B 422 -9.22 1.28 -20.14
C LYS B 422 -8.21 0.27 -20.65
N PRO B 423 -8.63 -0.97 -20.90
CA PRO B 423 -7.70 -1.93 -21.50
C PRO B 423 -7.29 -1.45 -22.88
N TYR B 424 -5.98 -1.46 -23.15
CA TYR B 424 -5.46 -0.97 -24.42
C TYR B 424 -5.19 -2.10 -25.43
N ALA B 425 -5.82 -3.26 -25.24
CA ALA B 425 -5.71 -4.35 -26.19
C ALA B 425 -6.04 -3.87 -27.59
N ALA B 426 -5.20 -4.21 -28.56
CA ALA B 426 -5.45 -3.81 -29.94
C ALA B 426 -4.87 -4.85 -30.89
N SER B 427 -5.55 -5.00 -32.03
CA SER B 427 -5.18 -5.97 -33.06
C SER B 427 -4.20 -5.33 -34.04
N GLY B 428 -3.75 -6.12 -35.01
CA GLY B 428 -2.90 -5.59 -36.05
C GLY B 428 -3.54 -4.49 -36.86
N ASN B 429 -4.88 -4.41 -36.83
CA ASN B 429 -5.53 -3.36 -37.59
C ASN B 429 -5.23 -1.99 -37.01
N TYR B 430 -5.04 -1.89 -35.69
CA TYR B 430 -4.61 -0.64 -35.10
C TYR B 430 -3.18 -0.29 -35.51
N ILE B 431 -2.26 -1.25 -35.39
CA ILE B 431 -0.86 -0.97 -35.71
C ILE B 431 -0.73 -0.59 -37.18
N ASN B 432 -1.52 -1.23 -38.04
CA ASN B 432 -1.48 -0.93 -39.47
C ASN B 432 -1.97 0.46 -39.77
N ARG B 433 -2.96 0.94 -39.01
CA ARG B 433 -3.46 2.30 -39.21
C ARG B 433 -2.50 3.35 -38.66
N MET B 434 -1.92 3.14 -37.48
CA MET B 434 -1.12 4.16 -36.80
C MET B 434 0.35 4.14 -37.18
N SER B 435 0.81 3.15 -37.94
CA SER B 435 2.21 3.02 -38.26
C SER B 435 2.35 2.54 -39.70
N ASP B 436 3.60 2.56 -40.18
CA ASP B 436 3.94 1.92 -41.45
C ASP B 436 4.78 0.67 -41.24
N TYR B 437 4.74 0.08 -40.04
CA TYR B 437 5.51 -1.16 -39.81
C TYR B 437 5.03 -2.30 -40.69
N CYS B 438 3.72 -2.36 -40.97
CA CYS B 438 3.22 -3.51 -41.71
C CYS B 438 3.71 -3.53 -43.14
N ASP B 439 4.15 -2.38 -43.65
CA ASP B 439 4.47 -2.28 -45.06
C ASP B 439 5.62 -3.20 -45.45
N THR B 440 6.55 -3.46 -44.54
CA THR B 440 7.64 -4.38 -44.84
C THR B 440 7.61 -5.65 -43.97
N CYS B 441 6.45 -5.98 -43.39
CA CYS B 441 6.33 -7.15 -42.53
C CYS B 441 6.01 -8.38 -43.37
N ARG B 442 6.54 -9.54 -42.97
CA ARG B 442 6.17 -10.78 -43.66
C ARG B 442 4.70 -11.15 -43.41
N TYR B 443 4.13 -10.69 -42.30
CA TYR B 443 2.74 -10.98 -41.98
C TYR B 443 1.81 -9.95 -42.61
N ASP B 444 0.52 -10.26 -42.59
CA ASP B 444 -0.52 -9.47 -43.23
C ASP B 444 -1.52 -8.99 -42.19
N PRO B 445 -1.63 -7.68 -41.98
CA PRO B 445 -2.55 -7.17 -40.93
C PRO B 445 -4.02 -7.43 -41.24
N LYS B 446 -4.37 -7.74 -42.49
CA LYS B 446 -5.76 -7.98 -42.86
C LYS B 446 -6.22 -9.41 -42.62
N GLU B 447 -5.31 -10.32 -42.28
CA GLU B 447 -5.60 -11.74 -42.15
C GLU B 447 -5.59 -12.17 -40.69
N ARG B 448 -6.55 -13.01 -40.33
CA ARG B 448 -6.58 -13.57 -38.98
C ARG B 448 -6.10 -15.02 -38.90
N LEU B 449 -6.40 -15.83 -39.92
CA LEU B 449 -6.00 -17.23 -39.97
C LEU B 449 -4.97 -17.46 -41.06
N GLY B 450 -4.37 -18.65 -41.02
CA GLY B 450 -3.34 -19.01 -41.96
C GLY B 450 -1.95 -18.55 -41.52
N ASP B 451 -0.95 -19.09 -42.22
CA ASP B 451 0.43 -18.87 -41.82
C ASP B 451 0.88 -17.43 -41.99
N ASN B 452 0.18 -16.64 -42.81
CA ASN B 452 0.61 -15.27 -43.06
CA ASN B 452 0.58 -15.27 -43.09
C ASN B 452 -0.10 -14.26 -42.18
N ALA B 453 -1.02 -14.69 -41.33
CA ALA B 453 -1.77 -13.76 -40.49
C ALA B 453 -0.87 -13.04 -39.48
N CYS B 454 -1.13 -11.77 -39.29
CA CYS B 454 -0.52 -11.01 -38.20
C CYS B 454 -0.88 -11.65 -36.86
N PRO B 455 0.10 -12.05 -36.04
CA PRO B 455 -0.24 -12.72 -34.77
C PRO B 455 -1.10 -11.87 -33.85
N PHE B 456 -1.06 -10.54 -33.97
CA PHE B 456 -1.88 -9.71 -33.09
C PHE B 456 -3.38 -9.97 -33.30
N ASN B 457 -3.79 -10.44 -34.49
CA ASN B 457 -5.22 -10.50 -34.77
C ASN B 457 -5.92 -11.60 -33.98
N ALA B 458 -5.47 -12.86 -34.12
CA ALA B 458 -6.07 -13.90 -33.31
C ALA B 458 -5.76 -13.72 -31.83
N LEU B 459 -4.58 -13.19 -31.50
CA LEU B 459 -4.27 -12.98 -30.08
CA LEU B 459 -4.26 -12.96 -30.08
C LEU B 459 -5.23 -11.96 -29.45
N TYR B 460 -5.66 -10.95 -30.22
CA TYR B 460 -6.61 -9.96 -29.69
C TYR B 460 -7.91 -10.63 -29.28
N TRP B 461 -8.48 -11.46 -30.16
CA TRP B 461 -9.73 -12.13 -29.83
C TRP B 461 -9.54 -13.15 -28.72
N ASP B 462 -8.42 -13.88 -28.75
CA ASP B 462 -8.20 -14.89 -27.71
C ASP B 462 -8.09 -14.24 -26.33
N PHE B 463 -7.38 -13.11 -26.26
CA PHE B 463 -7.32 -12.32 -25.04
C PHE B 463 -8.72 -11.97 -24.53
N LEU B 464 -9.57 -11.44 -25.42
CA LEU B 464 -10.92 -11.07 -24.96
C LEU B 464 -11.72 -12.30 -24.54
N ALA B 465 -11.62 -13.40 -25.29
CA ALA B 465 -12.40 -14.58 -24.94
C ALA B 465 -11.95 -15.17 -23.62
N ARG B 466 -10.65 -15.34 -23.42
CA ARG B 466 -10.22 -16.04 -22.22
C ARG B 466 -10.41 -15.20 -20.96
N ASN B 467 -10.51 -13.88 -21.09
CA ASN B 467 -10.73 -13.01 -19.95
C ASN B 467 -12.15 -12.45 -19.91
N ARG B 468 -13.08 -13.09 -20.63
CA ARG B 468 -14.42 -12.52 -20.79
C ARG B 468 -15.13 -12.34 -19.45
N GLU B 469 -15.02 -13.32 -18.54
CA GLU B 469 -15.74 -13.18 -17.27
C GLU B 469 -15.34 -11.93 -16.54
N LYS B 470 -14.04 -11.57 -16.57
CA LYS B 470 -13.53 -10.39 -15.89
C LYS B 470 -13.77 -9.09 -16.66
N LEU B 471 -13.90 -9.15 -17.99
CA LEU B 471 -13.95 -7.93 -18.80
C LEU B 471 -15.29 -7.64 -19.48
N LYS B 472 -16.27 -8.54 -19.38
CA LYS B 472 -17.46 -8.37 -20.22
C LYS B 472 -18.26 -7.13 -19.85
N SER B 473 -18.27 -6.76 -18.56
CA SER B 473 -18.95 -5.56 -18.09
C SER B 473 -18.22 -4.28 -18.45
N ASN B 474 -16.99 -4.36 -18.96
CA ASN B 474 -16.23 -3.15 -19.23
C ASN B 474 -16.86 -2.39 -20.38
N HIS B 475 -17.28 -1.17 -20.08
CA HIS B 475 -18.00 -0.33 -21.04
C HIS B 475 -17.28 -0.22 -22.39
N ARG B 476 -15.97 -0.06 -22.37
CA ARG B 476 -15.24 0.20 -23.60
C ARG B 476 -15.05 -1.02 -24.48
N LEU B 477 -15.30 -2.23 -23.95
CA LEU B 477 -15.21 -3.46 -24.72
C LEU B 477 -16.58 -3.98 -25.18
N ALA B 478 -17.65 -3.18 -25.08
CA ALA B 478 -18.98 -3.67 -25.40
C ALA B 478 -19.09 -4.04 -26.89
N GLN B 479 -18.54 -3.19 -27.77
CA GLN B 479 -18.63 -3.50 -29.19
CA GLN B 479 -18.63 -3.50 -29.20
C GLN B 479 -17.81 -4.72 -29.56
N PRO B 480 -16.52 -4.83 -29.20
CA PRO B 480 -15.78 -6.07 -29.51
C PRO B 480 -16.50 -7.33 -29.04
N TYR B 481 -16.99 -7.35 -27.80
CA TYR B 481 -17.70 -8.53 -27.32
C TYR B 481 -19.01 -8.76 -28.08
N ALA B 482 -19.66 -7.69 -28.53
CA ALA B 482 -20.86 -7.87 -29.34
C ALA B 482 -20.51 -8.48 -30.69
N THR B 483 -19.43 -7.98 -31.33
CA THR B 483 -18.90 -8.58 -32.55
C THR B 483 -18.55 -10.05 -32.34
N TRP B 484 -17.87 -10.36 -31.22
CA TRP B 484 -17.47 -11.74 -30.96
C TRP B 484 -18.68 -12.67 -30.93
N ALA B 485 -19.76 -12.23 -30.27
CA ALA B 485 -20.94 -13.07 -30.12
C ALA B 485 -21.70 -13.28 -31.43
N ARG B 486 -21.44 -12.47 -32.45
CA ARG B 486 -22.08 -12.66 -33.75
C ARG B 486 -21.27 -13.55 -34.67
N MET B 487 -20.04 -13.89 -34.28
CA MET B 487 -19.29 -14.90 -35.02
C MET B 487 -19.87 -16.29 -34.77
N SER B 488 -19.77 -17.14 -35.79
CA SER B 488 -20.23 -18.49 -35.62
C SER B 488 -19.31 -19.26 -34.66
N GLU B 489 -19.84 -20.35 -34.12
CA GLU B 489 -19.07 -21.17 -33.20
C GLU B 489 -17.76 -21.65 -33.82
N ASP B 490 -17.79 -22.03 -35.11
CA ASP B 490 -16.55 -22.51 -35.72
C ASP B 490 -15.56 -21.38 -35.96
N VAL B 491 -16.04 -20.17 -36.29
CA VAL B 491 -15.10 -19.06 -36.49
C VAL B 491 -14.40 -18.74 -35.18
N ARG B 492 -15.16 -18.72 -34.08
CA ARG B 492 -14.58 -18.48 -32.76
C ARG B 492 -13.59 -19.58 -32.39
N HIS B 493 -13.95 -20.84 -32.66
CA HIS B 493 -13.03 -21.89 -32.30
C HIS B 493 -11.75 -21.81 -33.11
N ASP B 494 -11.83 -21.44 -34.39
CA ASP B 494 -10.61 -21.40 -35.17
C ASP B 494 -9.72 -20.23 -34.78
N LEU B 495 -10.31 -19.10 -34.37
CA LEU B 495 -9.47 -18.00 -33.92
C LEU B 495 -8.73 -18.38 -32.64
N ARG B 496 -9.42 -19.01 -31.70
CA ARG B 496 -8.76 -19.37 -30.45
C ARG B 496 -7.70 -20.43 -30.67
N ALA B 497 -7.93 -21.36 -31.61
CA ALA B 497 -6.91 -22.35 -31.92
C ALA B 497 -5.69 -21.72 -32.59
N LYS B 498 -5.89 -20.71 -33.42
CA LYS B 498 -4.74 -20.07 -34.05
C LYS B 498 -3.90 -19.33 -33.00
N ALA B 499 -4.56 -18.65 -32.07
CA ALA B 499 -3.83 -18.01 -30.97
C ALA B 499 -3.12 -19.06 -30.12
N ALA B 500 -3.78 -20.18 -29.82
CA ALA B 500 -3.14 -21.22 -29.04
C ALA B 500 -1.87 -21.74 -29.72
N ALA B 501 -1.89 -21.91 -31.04
CA ALA B 501 -0.69 -22.37 -31.76
C ALA B 501 0.43 -21.34 -31.68
N PHE B 502 0.11 -20.04 -31.70
CA PHE B 502 1.16 -19.03 -31.56
C PHE B 502 1.71 -19.04 -30.12
N LEU B 503 0.82 -19.15 -29.11
CA LEU B 503 1.30 -19.23 -27.73
C LEU B 503 2.11 -20.50 -27.49
N ARG B 504 1.78 -21.59 -28.18
CA ARG B 504 2.55 -22.82 -28.06
C ARG B 504 3.97 -22.60 -28.54
N LYS B 505 4.16 -21.84 -29.62
CA LYS B 505 5.52 -21.54 -30.07
C LYS B 505 6.31 -20.82 -28.99
N LEU B 506 5.67 -19.85 -28.30
CA LEU B 506 6.31 -19.15 -27.19
C LEU B 506 6.63 -20.11 -26.05
N ASP B 507 5.67 -20.97 -25.69
CA ASP B 507 5.89 -21.85 -24.55
C ASP B 507 7.00 -22.85 -24.84
N ALA B 508 7.09 -23.34 -26.09
CA ALA B 508 8.10 -24.33 -26.43
C ALA B 508 9.49 -23.70 -26.42
N ALA B 509 9.59 -22.48 -26.94
CA ALA B 509 10.85 -21.75 -26.87
C ALA B 509 11.24 -21.43 -25.43
N ALA B 510 10.27 -21.08 -24.59
CA ALA B 510 10.61 -20.67 -23.22
C ALA B 510 11.41 -21.74 -22.49
N LEU B 511 11.18 -23.03 -22.74
CA LEU B 511 12.02 -24.03 -22.07
C LEU B 511 13.29 -24.38 -22.82
N GLU B 512 13.70 -23.56 -23.77
CA GLU B 512 15.10 -23.59 -24.19
C GLU B 512 15.95 -22.73 -23.28
N HIS B 513 15.30 -21.82 -22.54
CA HIS B 513 15.95 -20.85 -21.67
C HIS B 513 16.90 -19.96 -22.47
#